data_7UBX
#
_entry.id   7UBX
#
_cell.length_a   54.018
_cell.length_b   85.995
_cell.length_c   109.339
_cell.angle_alpha   90.000
_cell.angle_beta   91.452
_cell.angle_gamma   90.000
#
_symmetry.space_group_name_H-M   'P 1 21 1'
#
loop_
_entity.id
_entity.type
_entity.pdbx_description
1 polymer 'Toxin A'
2 polymer 'Nanobody VHH AA6'
3 water water
#
loop_
_entity_poly.entity_id
_entity_poly.type
_entity_poly.pdbx_seq_one_letter_code
_entity_poly.pdbx_strand_id
1 'polypeptide(L)'
;SMSLSIAATVASIVGIGAEVTIFLLPIAGISAGIPSLVNNELILHDKATSVVNYFNHLSESKKYGPLKTEDDKILVPIDD
LVISEIDFNNNSIKLGTCNILAMEGGSGHTVTGNIDHFFSSPSISSHIPSLSIYSAIGIETENLDFSKKIMMLPNAPSRV
FWWETGAVPGLRSLENDGTRLLDSIRDLYPGKFYWRFYAFFDYAITTLKPVYEDTNIKIKLDKDTRNFIMPTITTNEIRN
KLSYSFDGAGGTYSLLLSSYPISTNINLSKDDLWIFNIDNEVREISIENGTIKKGKLIKDVLSKIDINKNKLIIGNQTID
FSGDIDNKDRYIFLTCELDDKISLIIEINLVAKSYSLLLSGDKNYLISNLSNTIEKINTLGLDSKNIAYNYTD
;
A,B
2 'polypeptide(L)'
;SQVQLVESGGGLVQPGGSLRLSCAASGFTFSDYVMTWVRQAPGKGPEWIATINTDGSTMRDDSTKGRFTISRDNAKNTLY
LQMTSLKPEDTALYYCARGRVISASAIRGAVRGPGTQVTVSS
;
D,C
#
# COMPACT_ATOMS: atom_id res chain seq x y z
N THR A 9 -40.43 -5.29 -3.29
CA THR A 9 -39.88 -5.20 -4.64
C THR A 9 -38.64 -4.32 -4.65
N VAL A 10 -38.80 -3.04 -4.33
CA VAL A 10 -37.63 -2.23 -4.01
C VAL A 10 -36.94 -2.77 -2.76
N ALA A 11 -37.69 -3.51 -1.94
CA ALA A 11 -37.09 -4.26 -0.85
C ALA A 11 -36.19 -5.36 -1.38
N SER A 12 -36.63 -6.07 -2.42
CA SER A 12 -35.76 -7.07 -3.06
C SER A 12 -34.58 -6.41 -3.74
N ILE A 13 -34.78 -5.21 -4.28
CA ILE A 13 -33.70 -4.44 -4.87
C ILE A 13 -32.64 -4.13 -3.82
N VAL A 14 -33.09 -3.70 -2.63
CA VAL A 14 -32.21 -3.37 -1.52
C VAL A 14 -31.65 -4.62 -0.85
N GLY A 15 -32.30 -5.78 -1.01
CA GLY A 15 -31.72 -7.04 -0.55
C GLY A 15 -30.62 -7.59 -1.45
N ILE A 16 -30.63 -7.24 -2.72
CA ILE A 16 -29.53 -7.56 -3.63
C ILE A 16 -28.26 -6.87 -3.17
N PHE A 23 -18.47 -9.42 -0.14
CA PHE A 23 -17.77 -10.62 -0.59
C PHE A 23 -16.26 -10.51 -0.82
N LEU A 24 -15.54 -11.44 -0.21
CA LEU A 24 -14.10 -11.54 -0.29
C LEU A 24 -13.65 -12.57 -1.32
N LEU A 25 -14.24 -12.54 -2.51
CA LEU A 25 -13.78 -13.44 -3.57
C LEU A 25 -12.52 -12.89 -4.22
N PRO A 26 -11.60 -13.75 -4.64
CA PRO A 26 -10.35 -13.27 -5.22
C PRO A 26 -10.54 -12.80 -6.66
N ILE A 27 -9.56 -12.04 -7.12
CA ILE A 27 -9.55 -11.61 -8.51
C ILE A 27 -9.25 -12.84 -9.37
N ALA A 28 -9.48 -12.71 -10.68
CA ALA A 28 -9.15 -13.81 -11.57
C ALA A 28 -7.65 -14.08 -11.51
N GLY A 29 -7.27 -15.35 -11.72
CA GLY A 29 -5.88 -15.69 -11.87
C GLY A 29 -5.14 -15.99 -10.59
N ILE A 30 -5.80 -15.89 -9.43
CA ILE A 30 -5.08 -16.17 -8.20
C ILE A 30 -4.67 -17.65 -8.14
N SER A 31 -5.48 -18.55 -8.69
CA SER A 31 -5.18 -19.98 -8.78
C SER A 31 -4.58 -20.39 -10.11
N ALA A 32 -5.07 -19.87 -11.23
CA ALA A 32 -4.52 -20.28 -12.52
C ALA A 32 -3.26 -19.51 -12.90
N GLY A 33 -3.01 -18.37 -12.27
CA GLY A 33 -1.93 -17.48 -12.67
C GLY A 33 -2.45 -16.30 -13.44
N ILE A 34 -1.78 -15.17 -13.27
CA ILE A 34 -2.02 -13.96 -14.07
C ILE A 34 -0.86 -13.82 -15.03
N PRO A 35 -1.11 -13.69 -16.34
CA PRO A 35 0.00 -13.70 -17.29
C PRO A 35 0.81 -12.42 -17.22
N SER A 36 2.02 -12.49 -17.80
CA SER A 36 2.92 -11.35 -17.94
C SER A 36 3.23 -11.12 -19.41
N LEU A 37 3.50 -9.87 -19.75
CA LEU A 37 3.88 -9.50 -21.11
C LEU A 37 5.41 -9.57 -21.20
N VAL A 38 5.93 -10.53 -21.96
CA VAL A 38 7.37 -10.69 -22.14
C VAL A 38 7.66 -10.73 -23.63
N ASN A 39 8.50 -9.81 -24.09
CA ASN A 39 8.78 -9.61 -25.52
C ASN A 39 7.48 -9.56 -26.33
N ASN A 40 6.51 -8.81 -25.81
CA ASN A 40 5.28 -8.46 -26.51
C ASN A 40 4.38 -9.67 -26.76
N GLU A 41 4.43 -10.67 -25.88
CA GLU A 41 3.42 -11.72 -25.89
C GLU A 41 3.12 -12.15 -24.45
N LEU A 42 1.91 -12.64 -24.23
CA LEU A 42 1.48 -12.98 -22.89
C LEU A 42 2.03 -14.36 -22.51
N ILE A 43 2.73 -14.42 -21.39
CA ILE A 43 3.25 -15.67 -20.86
C ILE A 43 2.46 -15.98 -19.61
N LEU A 44 1.70 -17.09 -19.63
CA LEU A 44 0.96 -17.46 -18.43
C LEU A 44 1.87 -18.11 -17.40
N HIS A 45 2.75 -19.02 -17.85
CA HIS A 45 3.71 -19.65 -16.96
C HIS A 45 4.99 -19.90 -17.73
N ASP A 46 6.13 -19.82 -17.02
CA ASP A 46 7.43 -19.84 -17.68
C ASP A 46 8.41 -20.81 -17.02
N LYS A 47 7.93 -21.73 -16.19
CA LYS A 47 8.74 -22.79 -15.63
C LYS A 47 8.03 -24.11 -15.84
N ALA A 48 8.80 -25.19 -16.06
CA ALA A 48 8.18 -26.51 -16.23
C ALA A 48 7.23 -26.83 -15.08
N THR A 49 7.69 -26.69 -13.83
CA THR A 49 6.85 -27.04 -12.69
C THR A 49 5.63 -26.13 -12.60
N SER A 50 5.79 -24.85 -12.97
CA SER A 50 4.66 -23.92 -12.97
C SER A 50 3.63 -24.31 -14.02
N VAL A 51 4.12 -24.70 -15.20
CA VAL A 51 3.24 -25.18 -16.26
C VAL A 51 2.50 -26.42 -15.80
N VAL A 52 3.23 -27.41 -15.27
CA VAL A 52 2.58 -28.61 -14.76
C VAL A 52 1.52 -28.24 -13.73
N ASN A 53 1.86 -27.32 -12.83
CA ASN A 53 0.90 -26.89 -11.81
C ASN A 53 -0.36 -26.29 -12.41
N TYR A 54 -0.25 -25.60 -13.56
CA TYR A 54 -1.44 -25.07 -14.23
C TYR A 54 -2.37 -26.21 -14.65
N PHE A 55 -1.79 -27.26 -15.23
CA PHE A 55 -2.59 -28.42 -15.59
C PHE A 55 -3.13 -29.14 -14.36
N ASN A 56 -2.37 -29.13 -13.26
CA ASN A 56 -2.89 -29.66 -12.02
C ASN A 56 -4.12 -28.86 -11.57
N HIS A 57 -4.02 -27.53 -11.62
CA HIS A 57 -5.18 -26.69 -11.31
C HIS A 57 -6.37 -27.03 -12.21
N LEU A 58 -6.12 -27.16 -13.50
CA LEU A 58 -7.20 -27.50 -14.44
C LEU A 58 -7.87 -28.80 -14.08
N SER A 59 -7.10 -29.79 -13.63
CA SER A 59 -7.63 -31.11 -13.24
C SER A 59 -8.65 -31.01 -12.11
N GLU A 60 -8.71 -29.87 -11.40
CA GLU A 60 -9.71 -29.69 -10.35
C GLU A 60 -11.12 -29.67 -10.93
N SER A 61 -11.28 -29.21 -12.16
CA SER A 61 -12.59 -29.27 -12.82
C SER A 61 -13.11 -30.70 -12.85
N LYS A 62 -12.23 -31.70 -12.89
CA LYS A 62 -12.70 -33.09 -12.87
C LYS A 62 -12.96 -33.55 -11.44
N LYS A 63 -12.07 -33.18 -10.51
CA LYS A 63 -12.22 -33.63 -9.13
C LYS A 63 -13.38 -32.93 -8.43
N TYR A 64 -13.67 -31.68 -8.80
CA TYR A 64 -14.71 -30.91 -8.11
C TYR A 64 -15.87 -30.49 -9.00
N GLY A 65 -15.77 -30.65 -10.32
CA GLY A 65 -16.79 -30.16 -11.23
C GLY A 65 -16.37 -28.81 -11.76
N PRO A 66 -17.08 -28.30 -12.79
CA PRO A 66 -16.71 -26.99 -13.35
C PRO A 66 -16.96 -25.82 -12.40
N LEU A 67 -17.89 -25.96 -11.46
CA LEU A 67 -18.16 -24.90 -10.49
C LEU A 67 -17.94 -25.44 -9.09
N LYS A 68 -17.31 -24.64 -8.25
CA LYS A 68 -17.16 -24.90 -6.83
C LYS A 68 -18.20 -24.10 -6.08
N THR A 69 -18.51 -24.55 -4.87
CA THR A 69 -19.44 -23.86 -3.99
C THR A 69 -18.66 -23.32 -2.80
N GLU A 70 -18.56 -22.00 -2.70
CA GLU A 70 -17.81 -21.36 -1.65
C GLU A 70 -18.76 -20.85 -0.57
N ASP A 71 -18.40 -21.12 0.69
CA ASP A 71 -19.13 -20.62 1.85
C ASP A 71 -20.61 -21.02 1.83
N ASP A 72 -20.92 -22.12 1.14
CA ASP A 72 -22.29 -22.63 1.02
C ASP A 72 -23.28 -21.57 0.56
N LYS A 73 -22.81 -20.62 -0.25
CA LYS A 73 -23.72 -19.60 -0.76
C LYS A 73 -23.53 -19.27 -2.23
N ILE A 74 -22.35 -19.43 -2.80
CA ILE A 74 -22.07 -18.91 -4.14
C ILE A 74 -21.35 -19.95 -4.99
N LEU A 75 -21.79 -20.06 -6.24
CA LEU A 75 -21.18 -20.93 -7.24
C LEU A 75 -20.04 -20.16 -7.91
N VAL A 76 -18.84 -20.76 -7.95
CA VAL A 76 -17.65 -20.13 -8.49
C VAL A 76 -17.02 -21.07 -9.49
N PRO A 77 -16.94 -20.73 -10.76
CA PRO A 77 -16.28 -21.61 -11.74
C PRO A 77 -14.80 -21.75 -11.45
N ILE A 78 -14.22 -22.84 -11.95
CA ILE A 78 -12.79 -23.05 -11.81
C ILE A 78 -12.04 -21.87 -12.45
N ASP A 79 -11.04 -21.35 -11.72
CA ASP A 79 -10.30 -20.20 -12.22
C ASP A 79 -9.69 -20.55 -13.59
N ASP A 80 -9.99 -19.74 -14.59
CA ASP A 80 -9.54 -19.85 -15.98
C ASP A 80 -10.19 -21.00 -16.74
N LEU A 81 -11.31 -21.55 -16.27
CA LEU A 81 -12.05 -22.55 -17.05
C LEU A 81 -12.96 -21.87 -18.07
N VAL A 82 -12.82 -22.25 -19.33
CA VAL A 82 -13.54 -21.57 -20.39
C VAL A 82 -14.95 -22.12 -20.46
N ILE A 83 -15.88 -21.42 -19.83
CA ILE A 83 -17.29 -21.74 -19.90
C ILE A 83 -17.93 -20.76 -20.87
N SER A 84 -18.50 -21.29 -21.95
CA SER A 84 -19.10 -20.48 -23.01
C SER A 84 -20.61 -20.36 -22.88
N GLU A 85 -21.24 -21.17 -22.04
CA GLU A 85 -22.68 -21.06 -21.89
C GLU A 85 -23.06 -21.66 -20.54
N ILE A 86 -24.03 -21.03 -19.88
CA ILE A 86 -24.63 -21.52 -18.64
C ILE A 86 -26.12 -21.54 -18.87
N ASP A 87 -26.76 -22.71 -18.72
CA ASP A 87 -28.17 -22.87 -19.05
C ASP A 87 -28.87 -23.27 -17.76
N PHE A 88 -29.59 -22.32 -17.15
CA PHE A 88 -30.29 -22.54 -15.90
C PHE A 88 -31.58 -23.31 -16.09
N ASN A 89 -32.00 -23.50 -17.34
CA ASN A 89 -33.20 -24.24 -17.68
C ASN A 89 -32.91 -25.73 -17.82
N ASN A 90 -31.76 -26.06 -18.40
CA ASN A 90 -31.32 -27.44 -18.64
C ASN A 90 -30.25 -27.92 -17.67
N ASN A 91 -29.94 -27.11 -16.64
CA ASN A 91 -28.91 -27.41 -15.64
C ASN A 91 -27.61 -27.89 -16.29
N SER A 92 -27.15 -27.13 -17.28
CA SER A 92 -26.03 -27.56 -18.11
C SER A 92 -25.06 -26.41 -18.35
N ILE A 93 -23.87 -26.78 -18.81
CA ILE A 93 -22.78 -25.88 -19.16
C ILE A 93 -22.30 -26.28 -20.55
N LYS A 94 -21.83 -25.31 -21.33
CA LYS A 94 -20.98 -25.59 -22.48
C LYS A 94 -19.56 -25.09 -22.19
N LEU A 95 -18.57 -25.79 -22.72
CA LEU A 95 -17.19 -25.36 -22.58
C LEU A 95 -16.71 -24.73 -23.88
N GLY A 96 -15.85 -23.73 -23.77
CA GLY A 96 -15.26 -23.08 -24.92
C GLY A 96 -14.00 -23.79 -25.35
N THR A 97 -13.17 -23.09 -26.11
CA THR A 97 -11.92 -23.67 -26.63
C THR A 97 -10.76 -23.47 -25.67
N CYS A 98 -10.14 -24.57 -25.29
CA CYS A 98 -8.89 -24.57 -24.51
C CYS A 98 -7.96 -25.56 -25.21
N ASN A 99 -7.23 -25.08 -26.20
CA ASN A 99 -6.38 -25.93 -27.00
C ASN A 99 -4.91 -25.66 -26.72
N ILE A 100 -4.06 -26.55 -27.22
CA ILE A 100 -2.62 -26.40 -27.11
C ILE A 100 -2.01 -26.90 -28.43
N LEU A 101 -1.00 -26.19 -28.92
CA LEU A 101 -0.44 -26.53 -30.22
C LEU A 101 0.05 -27.97 -30.25
N ALA A 102 -0.15 -28.62 -31.40
CA ALA A 102 0.28 -29.98 -31.63
C ALA A 102 1.75 -30.06 -32.06
N MET A 103 2.26 -31.28 -32.05
CA MET A 103 3.62 -31.61 -32.44
C MET A 103 3.57 -32.48 -33.70
N GLU A 104 4.62 -32.39 -34.52
CA GLU A 104 4.75 -33.25 -35.69
C GLU A 104 6.20 -33.71 -35.80
N GLY A 105 6.42 -34.71 -36.64
CA GLY A 105 7.78 -35.19 -36.86
C GLY A 105 8.28 -36.03 -35.70
N GLY A 106 9.60 -36.06 -35.55
CA GLY A 106 10.22 -36.94 -34.60
C GLY A 106 10.37 -38.35 -35.13
N SER A 107 11.34 -39.07 -34.57
CA SER A 107 11.63 -40.43 -34.99
C SER A 107 12.21 -41.23 -33.83
N GLY A 108 11.99 -42.54 -33.90
CA GLY A 108 12.52 -43.44 -32.90
C GLY A 108 11.87 -43.31 -31.54
N HIS A 109 10.58 -43.02 -31.50
CA HIS A 109 9.94 -42.84 -30.22
C HIS A 109 9.89 -44.16 -29.46
N THR A 110 10.25 -44.12 -28.19
CA THR A 110 9.98 -45.20 -27.26
C THR A 110 9.50 -44.56 -25.98
N VAL A 111 9.06 -45.38 -25.04
CA VAL A 111 8.75 -44.87 -23.71
C VAL A 111 9.21 -45.93 -22.71
N THR A 112 9.94 -45.47 -21.70
CA THR A 112 10.53 -46.34 -20.68
C THR A 112 10.22 -45.69 -19.35
N GLY A 113 9.49 -46.40 -18.48
CA GLY A 113 9.15 -45.81 -17.20
C GLY A 113 8.28 -44.58 -17.32
N ASN A 114 7.42 -44.54 -18.34
CA ASN A 114 6.53 -43.43 -18.67
C ASN A 114 7.30 -42.18 -19.08
N ILE A 115 8.62 -42.29 -19.34
CA ILE A 115 9.40 -41.17 -19.85
C ILE A 115 9.55 -41.33 -21.34
N ASP A 116 8.97 -40.42 -22.11
CA ASP A 116 9.16 -40.54 -23.56
C ASP A 116 10.61 -40.32 -23.95
N HIS A 117 11.01 -41.04 -24.99
CA HIS A 117 12.36 -41.00 -25.57
C HIS A 117 12.23 -40.89 -27.08
N PHE A 118 13.12 -40.11 -27.69
CA PHE A 118 13.17 -39.98 -29.14
C PHE A 118 14.62 -40.12 -29.60
N PHE A 119 14.77 -40.66 -30.80
CA PHE A 119 16.03 -40.51 -31.50
C PHE A 119 16.15 -39.12 -32.08
N SER A 120 15.05 -38.62 -32.64
CA SER A 120 14.93 -37.26 -33.13
C SER A 120 13.64 -36.69 -32.52
N SER A 121 13.73 -35.50 -31.94
CA SER A 121 12.57 -35.05 -31.18
C SER A 121 11.51 -34.46 -32.11
N PRO A 122 10.24 -34.54 -31.73
CA PRO A 122 9.20 -33.89 -32.53
C PRO A 122 9.28 -32.38 -32.34
N SER A 123 8.48 -31.68 -33.12
CA SER A 123 8.56 -30.23 -33.22
C SER A 123 7.16 -29.64 -33.10
N ILE A 124 7.06 -28.51 -32.42
CA ILE A 124 5.76 -27.87 -32.21
C ILE A 124 5.43 -27.04 -33.44
N SER A 125 4.18 -27.13 -33.91
CA SER A 125 3.79 -26.40 -35.12
C SER A 125 2.44 -25.72 -34.92
N SER A 126 2.36 -24.47 -35.38
CA SER A 126 1.11 -23.72 -35.42
C SER A 126 0.46 -23.78 -36.80
N HIS A 127 0.95 -24.66 -37.68
CA HIS A 127 0.41 -24.82 -39.01
C HIS A 127 -0.41 -26.09 -39.15
N ILE A 128 -0.66 -26.79 -38.06
CA ILE A 128 -1.50 -27.99 -38.06
C ILE A 128 -2.56 -27.81 -36.97
N PRO A 129 -3.62 -28.63 -36.95
CA PRO A 129 -4.69 -28.42 -35.97
C PRO A 129 -4.19 -28.62 -34.54
N SER A 130 -4.63 -27.72 -33.66
CA SER A 130 -4.28 -27.80 -32.25
C SER A 130 -5.12 -28.84 -31.52
N LEU A 131 -4.74 -29.13 -30.28
CA LEU A 131 -5.28 -30.23 -29.51
C LEU A 131 -6.14 -29.71 -28.36
N SER A 132 -7.29 -30.35 -28.13
CA SER A 132 -8.18 -29.91 -27.08
C SER A 132 -7.73 -30.48 -25.73
N ILE A 133 -7.38 -29.58 -24.80
CA ILE A 133 -7.03 -30.02 -23.46
C ILE A 133 -8.25 -30.59 -22.76
N TYR A 134 -9.42 -29.96 -22.94
CA TYR A 134 -10.58 -30.38 -22.15
C TYR A 134 -11.06 -31.77 -22.54
N SER A 135 -10.87 -32.15 -23.80
CA SER A 135 -11.18 -33.52 -24.22
C SER A 135 -10.46 -34.55 -23.38
N ALA A 136 -9.26 -34.23 -22.89
CA ALA A 136 -8.52 -35.18 -22.07
C ALA A 136 -8.95 -35.17 -20.62
N ILE A 137 -9.73 -34.18 -20.18
CA ILE A 137 -10.20 -34.13 -18.80
C ILE A 137 -11.52 -34.86 -18.62
N GLY A 138 -12.42 -34.74 -19.60
CA GLY A 138 -13.77 -35.25 -19.49
C GLY A 138 -14.58 -34.57 -18.40
N ILE A 139 -14.79 -33.26 -18.53
CA ILE A 139 -15.47 -32.46 -17.51
C ILE A 139 -16.97 -32.71 -17.59
N GLU A 140 -17.60 -32.93 -16.44
CA GLU A 140 -19.05 -33.13 -16.41
C GLU A 140 -19.75 -31.80 -16.67
N THR A 141 -20.58 -31.75 -17.70
CA THR A 141 -21.26 -30.51 -18.10
C THR A 141 -22.78 -30.62 -17.99
N GLU A 142 -23.30 -31.64 -17.31
CA GLU A 142 -24.73 -31.87 -17.35
C GLU A 142 -25.22 -32.27 -15.97
N ASN A 143 -26.52 -32.08 -15.76
CA ASN A 143 -27.18 -32.37 -14.49
C ASN A 143 -26.44 -31.71 -13.33
N LEU A 144 -26.10 -30.44 -13.54
CA LEU A 144 -25.40 -29.67 -12.53
C LEU A 144 -26.38 -29.13 -11.49
N ASP A 145 -25.85 -28.80 -10.31
CA ASP A 145 -26.64 -28.30 -9.19
C ASP A 145 -26.59 -26.78 -9.22
N PHE A 146 -27.67 -26.16 -9.71
CA PHE A 146 -27.82 -24.71 -9.73
C PHE A 146 -28.77 -24.24 -8.64
N SER A 147 -28.71 -24.92 -7.48
CA SER A 147 -29.57 -24.57 -6.35
C SER A 147 -29.20 -23.22 -5.77
N LYS A 148 -27.91 -22.93 -5.64
CA LYS A 148 -27.46 -21.63 -5.17
C LYS A 148 -27.87 -20.57 -6.17
N LYS A 149 -28.42 -19.46 -5.68
CA LYS A 149 -28.91 -18.40 -6.56
C LYS A 149 -27.91 -17.25 -6.72
N ILE A 150 -26.69 -17.42 -6.24
CA ILE A 150 -25.60 -16.45 -6.41
C ILE A 150 -24.48 -17.15 -7.17
N MET A 151 -23.97 -16.51 -8.22
CA MET A 151 -22.86 -17.16 -8.92
C MET A 151 -21.91 -16.11 -9.48
N MET A 152 -20.60 -16.37 -9.34
CA MET A 152 -19.60 -15.57 -10.03
C MET A 152 -19.51 -16.01 -11.49
N LEU A 153 -19.50 -15.05 -12.39
CA LEU A 153 -19.46 -15.37 -13.80
C LEU A 153 -18.08 -15.92 -14.16
N PRO A 154 -17.99 -16.74 -15.21
CA PRO A 154 -16.69 -17.26 -15.65
C PRO A 154 -15.80 -16.12 -16.12
N ASN A 155 -14.49 -16.36 -16.04
CA ASN A 155 -13.49 -15.32 -16.25
C ASN A 155 -12.52 -15.66 -17.38
N ALA A 156 -12.84 -16.61 -18.24
CA ALA A 156 -11.84 -17.24 -19.10
C ALA A 156 -12.24 -17.22 -20.56
N PRO A 157 -11.54 -16.47 -21.41
CA PRO A 157 -11.79 -16.54 -22.84
C PRO A 157 -11.21 -17.80 -23.46
N SER A 158 -11.81 -18.20 -24.57
CA SER A 158 -11.22 -19.26 -25.39
C SER A 158 -9.77 -18.91 -25.72
N ARG A 159 -8.96 -19.94 -25.97
CA ARG A 159 -7.54 -19.72 -26.25
C ARG A 159 -6.96 -20.94 -26.96
N VAL A 160 -5.87 -20.71 -27.66
CA VAL A 160 -4.93 -21.75 -28.02
C VAL A 160 -3.62 -21.43 -27.31
N PHE A 161 -3.09 -22.41 -26.58
CA PHE A 161 -1.82 -22.23 -25.87
C PHE A 161 -0.68 -22.52 -26.84
N TRP A 162 0.05 -21.48 -27.21
CA TRP A 162 1.36 -21.74 -27.79
C TRP A 162 2.30 -22.17 -26.68
N TRP A 163 3.36 -22.87 -27.03
CA TRP A 163 4.24 -23.32 -25.97
C TRP A 163 5.63 -23.60 -26.53
N GLU A 164 6.56 -23.84 -25.61
CA GLU A 164 7.96 -24.06 -25.95
C GLU A 164 8.49 -25.18 -25.08
N THR A 165 9.46 -25.93 -25.60
CA THR A 165 10.24 -26.83 -24.76
C THR A 165 11.62 -26.23 -24.52
N GLY A 166 12.25 -26.73 -23.47
CA GLY A 166 13.64 -26.41 -23.24
C GLY A 166 14.29 -27.55 -22.51
N ALA A 167 15.62 -27.49 -22.43
CA ALA A 167 16.35 -28.45 -21.63
C ALA A 167 16.02 -28.26 -20.16
N VAL A 168 15.43 -29.27 -19.55
CA VAL A 168 15.08 -29.21 -18.13
C VAL A 168 15.40 -30.55 -17.49
N PRO A 169 16.50 -30.65 -16.77
CA PRO A 169 16.86 -31.92 -16.14
C PRO A 169 16.16 -32.08 -14.79
N GLY A 170 16.16 -33.33 -14.33
CA GLY A 170 15.67 -33.64 -13.02
C GLY A 170 14.16 -33.66 -12.87
N LEU A 171 13.44 -33.82 -13.98
CA LEU A 171 11.99 -33.78 -13.96
C LEU A 171 11.36 -35.16 -14.08
N ARG A 172 12.16 -36.22 -14.09
CA ARG A 172 11.62 -37.55 -14.38
C ARG A 172 10.80 -38.13 -13.24
N SER A 173 10.93 -37.60 -12.02
CA SER A 173 10.19 -38.15 -10.90
C SER A 173 8.93 -37.35 -10.59
N LEU A 174 8.71 -36.23 -11.27
CA LEU A 174 7.52 -35.43 -11.02
C LEU A 174 6.26 -36.19 -11.44
N GLU A 175 5.31 -36.30 -10.50
CA GLU A 175 4.08 -37.04 -10.73
C GLU A 175 2.97 -36.43 -9.88
N ASN A 176 1.95 -35.88 -10.53
CA ASN A 176 0.82 -35.30 -9.80
C ASN A 176 -0.35 -35.25 -10.76
N ASP A 177 -1.45 -34.62 -10.34
CA ASP A 177 -2.62 -34.61 -11.22
C ASP A 177 -2.33 -33.81 -12.49
N GLY A 178 -1.39 -32.86 -12.41
CA GLY A 178 -0.98 -32.13 -13.62
C GLY A 178 -0.23 -32.99 -14.62
N THR A 179 0.76 -33.77 -14.16
CA THR A 179 1.49 -34.63 -15.10
C THR A 179 0.58 -35.70 -15.68
N ARG A 180 -0.36 -36.20 -14.86
CA ARG A 180 -1.36 -37.15 -15.33
C ARG A 180 -2.19 -36.57 -16.46
N LEU A 181 -2.68 -35.33 -16.29
CA LEU A 181 -3.43 -34.68 -17.36
C LEU A 181 -2.56 -34.48 -18.59
N LEU A 182 -1.31 -34.04 -18.40
CA LEU A 182 -0.44 -33.88 -19.56
C LEU A 182 -0.20 -35.23 -20.26
N ASP A 183 0.00 -36.29 -19.48
CA ASP A 183 0.09 -37.62 -20.09
C ASP A 183 -1.20 -37.98 -20.81
N SER A 184 -2.34 -37.60 -20.23
CA SER A 184 -3.62 -37.91 -20.86
C SER A 184 -3.73 -37.25 -22.23
N ILE A 185 -3.24 -36.01 -22.35
CA ILE A 185 -3.19 -35.34 -23.65
C ILE A 185 -2.28 -36.11 -24.60
N ARG A 186 -1.08 -36.47 -24.12
CA ARG A 186 -0.16 -37.26 -24.94
C ARG A 186 -0.82 -38.54 -25.41
N ASP A 187 -1.47 -39.27 -24.50
CA ASP A 187 -2.07 -40.56 -24.86
C ASP A 187 -3.29 -40.40 -25.77
N LEU A 188 -4.02 -39.30 -25.64
CA LEU A 188 -5.24 -39.12 -26.43
C LEU A 188 -4.94 -38.71 -27.88
N TYR A 189 -3.80 -38.06 -28.11
CA TYR A 189 -3.39 -37.61 -29.43
C TYR A 189 -2.02 -38.20 -29.74
N PRO A 190 -1.93 -39.52 -29.91
CA PRO A 190 -0.61 -40.17 -30.03
C PRO A 190 0.22 -39.56 -31.15
N GLY A 191 1.49 -39.27 -30.84
CA GLY A 191 2.40 -38.67 -31.78
C GLY A 191 2.34 -37.17 -31.89
N LYS A 192 1.33 -36.52 -31.30
CA LYS A 192 1.14 -35.09 -31.45
C LYS A 192 1.41 -34.27 -30.18
N PHE A 193 1.69 -34.91 -29.04
CA PHE A 193 1.96 -34.12 -27.83
C PHE A 193 2.92 -34.86 -26.90
N TYR A 194 4.06 -34.23 -26.60
CA TYR A 194 5.04 -34.76 -25.65
C TYR A 194 5.55 -33.60 -24.81
N TRP A 195 5.32 -33.67 -23.50
CA TRP A 195 5.58 -32.54 -22.62
C TRP A 195 6.85 -32.74 -21.82
N ARG A 196 7.39 -33.96 -21.81
CA ARG A 196 8.61 -34.32 -21.09
C ARG A 196 9.24 -35.47 -21.87
N PHE A 197 10.46 -35.29 -22.36
CA PHE A 197 11.03 -36.36 -23.18
C PHE A 197 12.55 -36.25 -23.23
N TYR A 198 13.17 -37.39 -23.49
CA TYR A 198 14.62 -37.47 -23.63
C TYR A 198 14.97 -37.58 -25.11
N ALA A 199 15.92 -36.75 -25.55
CA ALA A 199 16.50 -36.85 -26.89
C ALA A 199 17.94 -36.33 -26.74
N PHE A 200 18.80 -37.21 -26.21
CA PHE A 200 20.18 -36.92 -25.80
C PHE A 200 20.25 -36.09 -24.52
N PHE A 201 19.32 -35.13 -24.35
CA PHE A 201 19.10 -34.39 -23.11
C PHE A 201 17.65 -34.56 -22.72
N ASP A 202 17.33 -34.28 -21.45
CA ASP A 202 15.95 -34.24 -21.01
C ASP A 202 15.37 -32.89 -21.36
N TYR A 203 14.22 -32.88 -22.03
CA TYR A 203 13.48 -31.68 -22.37
C TYR A 203 12.10 -31.73 -21.72
N ALA A 204 11.49 -30.56 -21.59
CA ALA A 204 10.09 -30.49 -21.18
C ALA A 204 9.50 -29.14 -21.56
N ILE A 205 8.17 -29.10 -21.50
CA ILE A 205 7.48 -27.84 -21.66
C ILE A 205 7.95 -26.86 -20.61
N THR A 206 8.31 -25.66 -21.04
CA THR A 206 8.78 -24.62 -20.14
C THR A 206 7.89 -23.39 -20.13
N THR A 207 7.01 -23.23 -21.12
CA THR A 207 6.39 -21.94 -21.34
C THR A 207 5.00 -22.17 -21.90
N LEU A 208 4.03 -21.45 -21.35
CA LEU A 208 2.65 -21.52 -21.78
C LEU A 208 2.26 -20.11 -22.23
N LYS A 209 1.90 -19.96 -23.49
CA LYS A 209 1.67 -18.65 -24.11
C LYS A 209 0.27 -18.64 -24.71
N PRO A 210 -0.72 -18.18 -23.96
CA PRO A 210 -2.09 -18.18 -24.50
C PRO A 210 -2.26 -17.14 -25.58
N VAL A 211 -2.99 -17.51 -26.63
CA VAL A 211 -3.47 -16.55 -27.62
C VAL A 211 -4.99 -16.56 -27.47
N TYR A 212 -5.51 -15.55 -26.80
CA TYR A 212 -6.93 -15.52 -26.42
C TYR A 212 -7.78 -15.12 -27.61
N GLU A 213 -9.04 -15.55 -27.59
CA GLU A 213 -9.98 -15.33 -28.68
C GLU A 213 -11.26 -14.72 -28.13
N ASP A 214 -11.90 -13.88 -28.96
CA ASP A 214 -13.14 -13.25 -28.54
C ASP A 214 -14.13 -14.31 -28.13
N THR A 215 -14.72 -14.16 -26.95
CA THR A 215 -15.52 -15.21 -26.34
C THR A 215 -16.79 -14.59 -25.78
N ASN A 216 -17.94 -14.90 -26.37
CA ASN A 216 -19.21 -14.48 -25.80
C ASN A 216 -19.75 -15.60 -24.92
N ILE A 217 -20.10 -15.26 -23.70
CA ILE A 217 -20.59 -16.23 -22.72
C ILE A 217 -22.09 -16.04 -22.59
N LYS A 218 -22.84 -17.05 -23.00
CA LYS A 218 -24.29 -16.97 -23.06
C LYS A 218 -24.87 -17.50 -21.75
N ILE A 219 -25.70 -16.70 -21.09
CA ILE A 219 -26.33 -17.09 -19.82
C ILE A 219 -27.82 -17.16 -20.09
N LYS A 220 -28.35 -18.38 -20.13
CA LYS A 220 -29.76 -18.63 -20.43
C LYS A 220 -30.50 -18.71 -19.10
N LEU A 221 -31.18 -17.63 -18.74
CA LEU A 221 -31.80 -17.57 -17.42
C LEU A 221 -33.14 -18.31 -17.39
N ASP A 222 -33.55 -18.71 -16.19
CA ASP A 222 -34.88 -19.24 -15.92
C ASP A 222 -35.73 -18.17 -15.22
N LYS A 223 -37.00 -18.50 -14.97
CA LYS A 223 -37.88 -17.66 -14.14
C LYS A 223 -37.60 -17.91 -12.67
N ASP A 224 -36.63 -17.17 -12.12
CA ASP A 224 -36.24 -17.30 -10.74
C ASP A 224 -35.41 -16.07 -10.37
N THR A 225 -35.02 -16.00 -9.11
CA THR A 225 -34.12 -14.96 -8.63
C THR A 225 -32.69 -15.46 -8.83
N ARG A 226 -31.94 -14.81 -9.72
CA ARG A 226 -30.55 -15.14 -10.00
C ARG A 226 -29.68 -13.92 -9.77
N ASN A 227 -28.63 -14.09 -8.97
CA ASN A 227 -27.69 -13.03 -8.61
C ASN A 227 -26.31 -13.40 -9.15
N PHE A 228 -25.68 -12.46 -9.83
CA PHE A 228 -24.42 -12.70 -10.52
C PHE A 228 -23.38 -11.72 -10.00
N ILE A 229 -22.16 -12.22 -9.81
CA ILE A 229 -20.99 -11.41 -9.48
C ILE A 229 -20.08 -11.41 -10.70
N MET A 230 -19.71 -10.23 -11.14
CA MET A 230 -18.79 -10.23 -12.27
C MET A 230 -17.36 -10.35 -11.76
N PRO A 231 -16.54 -11.22 -12.35
CA PRO A 231 -15.17 -11.39 -11.87
C PRO A 231 -14.37 -10.13 -12.08
N THR A 232 -13.30 -10.00 -11.31
CA THR A 232 -12.37 -8.89 -11.44
C THR A 232 -11.15 -9.41 -12.17
N ILE A 233 -11.02 -9.03 -13.45
CA ILE A 233 -9.98 -9.50 -14.36
C ILE A 233 -9.02 -8.34 -14.59
N THR A 234 -7.81 -8.44 -14.03
CA THR A 234 -6.90 -7.31 -14.02
C THR A 234 -6.02 -7.22 -15.27
N THR A 235 -6.09 -8.20 -16.17
CA THR A 235 -5.35 -8.17 -17.43
C THR A 235 -6.26 -7.65 -18.55
N ASN A 236 -5.94 -6.45 -19.06
CA ASN A 236 -6.71 -5.84 -20.15
C ASN A 236 -6.98 -6.81 -21.28
N GLU A 237 -5.93 -7.49 -21.75
CA GLU A 237 -6.05 -8.30 -22.97
C GLU A 237 -6.95 -9.51 -22.76
N ILE A 238 -7.06 -10.01 -21.53
CA ILE A 238 -8.04 -11.04 -21.23
C ILE A 238 -9.42 -10.43 -21.16
N ARG A 239 -9.58 -9.38 -20.36
CA ARG A 239 -10.89 -8.81 -20.10
C ARG A 239 -11.55 -8.36 -21.40
N ASN A 240 -10.75 -7.81 -22.33
CA ASN A 240 -11.32 -7.31 -23.57
C ASN A 240 -11.72 -8.40 -24.57
N LYS A 241 -11.36 -9.65 -24.32
CA LYS A 241 -11.84 -10.73 -25.18
C LYS A 241 -13.19 -11.29 -24.73
N LEU A 242 -13.68 -10.88 -23.57
CA LEU A 242 -14.86 -11.48 -22.94
C LEU A 242 -16.09 -10.59 -23.12
N SER A 243 -17.24 -11.23 -23.24
CA SER A 243 -18.52 -10.56 -23.12
C SER A 243 -19.54 -11.53 -22.54
N TYR A 244 -20.50 -10.99 -21.80
CA TYR A 244 -21.60 -11.77 -21.27
C TYR A 244 -22.87 -11.39 -22.02
N SER A 245 -23.70 -12.38 -22.34
CA SER A 245 -24.99 -12.15 -22.98
C SER A 245 -26.02 -12.91 -22.17
N PHE A 246 -26.94 -12.18 -21.50
CA PHE A 246 -27.97 -12.78 -20.68
C PHE A 246 -29.28 -12.83 -21.45
N ASP A 247 -29.98 -13.96 -21.35
CA ASP A 247 -31.31 -14.13 -21.93
C ASP A 247 -32.32 -14.10 -20.79
N GLY A 248 -33.05 -13.00 -20.66
CA GLY A 248 -34.04 -12.89 -19.61
C GLY A 248 -35.23 -13.80 -19.86
N ALA A 249 -35.79 -14.35 -18.77
CA ALA A 249 -36.95 -15.22 -18.82
C ALA A 249 -38.06 -14.75 -17.89
N GLY A 250 -38.07 -13.47 -17.53
CA GLY A 250 -39.13 -12.94 -16.68
C GLY A 250 -38.91 -13.07 -15.19
N GLY A 251 -37.73 -13.52 -14.76
CA GLY A 251 -37.37 -13.57 -13.36
C GLY A 251 -36.84 -12.24 -12.85
N THR A 252 -36.15 -12.32 -11.71
CA THR A 252 -35.50 -11.18 -11.07
C THR A 252 -33.99 -11.39 -11.10
N TYR A 253 -33.26 -10.48 -11.75
CA TYR A 253 -31.86 -10.69 -12.08
C TYR A 253 -31.02 -9.55 -11.55
N SER A 254 -29.94 -9.88 -10.85
CA SER A 254 -29.02 -8.84 -10.39
C SER A 254 -27.61 -9.17 -10.88
N LEU A 255 -26.84 -8.11 -11.13
CA LEU A 255 -25.46 -8.25 -11.62
C LEU A 255 -24.61 -7.23 -10.89
N LEU A 256 -23.59 -7.72 -10.17
CA LEU A 256 -22.64 -6.85 -9.47
C LEU A 256 -21.48 -6.57 -10.42
N LEU A 257 -21.41 -5.35 -10.92
CA LEU A 257 -20.42 -5.00 -11.93
C LEU A 257 -19.05 -4.83 -11.30
N SER A 258 -18.01 -5.18 -12.05
CA SER A 258 -16.64 -4.97 -11.59
C SER A 258 -16.15 -3.61 -12.08
N SER A 259 -15.28 -2.98 -11.28
CA SER A 259 -14.68 -1.72 -11.69
C SER A 259 -13.81 -1.90 -12.92
N TYR A 260 -13.36 -3.13 -13.17
CA TYR A 260 -12.67 -3.52 -14.40
C TYR A 260 -13.75 -4.00 -15.35
N PRO A 261 -14.17 -3.20 -16.32
CA PRO A 261 -15.43 -3.49 -17.04
C PRO A 261 -15.33 -4.62 -18.05
N ILE A 262 -16.46 -5.33 -18.21
CA ILE A 262 -16.60 -6.40 -19.19
C ILE A 262 -17.88 -6.14 -19.97
N SER A 263 -17.80 -6.30 -21.28
CA SER A 263 -18.95 -6.09 -22.17
C SER A 263 -20.11 -6.98 -21.76
N THR A 264 -21.31 -6.40 -21.73
CA THR A 264 -22.46 -7.10 -21.20
C THR A 264 -23.65 -6.71 -22.05
N ASN A 265 -24.41 -7.72 -22.50
CA ASN A 265 -25.65 -7.53 -23.25
C ASN A 265 -26.77 -8.20 -22.48
N ILE A 266 -27.92 -7.55 -22.44
CA ILE A 266 -29.09 -8.07 -21.75
C ILE A 266 -30.21 -8.22 -22.78
N ASN A 267 -30.67 -9.44 -22.99
CA ASN A 267 -31.80 -9.70 -23.88
C ASN A 267 -33.05 -9.61 -23.02
N LEU A 268 -33.74 -8.48 -23.10
CA LEU A 268 -34.85 -8.20 -22.21
C LEU A 268 -36.11 -8.97 -22.58
N SER A 269 -36.69 -9.67 -21.62
CA SER A 269 -37.99 -10.30 -21.70
C SER A 269 -39.02 -9.41 -21.02
N LYS A 270 -40.30 -9.69 -21.31
CA LYS A 270 -41.38 -8.79 -20.87
C LYS A 270 -41.34 -8.50 -19.37
N ASP A 271 -41.25 -9.54 -18.54
CA ASP A 271 -41.42 -9.38 -17.10
C ASP A 271 -40.11 -9.40 -16.31
N ASP A 272 -38.97 -9.22 -17.00
CA ASP A 272 -37.69 -9.16 -16.32
C ASP A 272 -37.64 -8.02 -15.30
N LEU A 273 -37.15 -8.31 -14.10
CA LEU A 273 -36.70 -7.27 -13.18
C LEU A 273 -35.18 -7.31 -13.12
N TRP A 274 -34.53 -6.29 -13.67
CA TRP A 274 -33.06 -6.21 -13.73
C TRP A 274 -32.54 -5.20 -12.72
N ILE A 275 -31.54 -5.61 -11.94
CA ILE A 275 -30.90 -4.77 -10.94
C ILE A 275 -29.40 -4.86 -11.18
N PHE A 276 -28.74 -3.71 -11.34
CA PHE A 276 -27.30 -3.64 -11.54
C PHE A 276 -26.70 -2.96 -10.33
N ASN A 277 -25.85 -3.69 -9.62
CA ASN A 277 -25.21 -3.14 -8.42
C ASN A 277 -23.96 -2.43 -8.91
N ILE A 278 -23.94 -1.11 -8.76
CA ILE A 278 -22.87 -0.29 -9.30
C ILE A 278 -21.94 0.20 -8.20
N ASP A 279 -21.90 -0.48 -7.05
CA ASP A 279 -21.16 0.06 -5.92
C ASP A 279 -19.67 0.03 -6.19
N ASN A 280 -19.19 -0.94 -6.98
CA ASN A 280 -17.78 -0.91 -7.35
C ASN A 280 -17.48 0.19 -8.36
N GLU A 281 -18.43 0.47 -9.25
CA GLU A 281 -18.17 1.45 -10.31
C GLU A 281 -18.11 2.87 -9.76
N VAL A 282 -18.87 3.17 -8.70
CA VAL A 282 -18.92 4.53 -8.17
C VAL A 282 -17.90 4.80 -7.09
N ARG A 283 -17.07 3.82 -6.75
CA ARG A 283 -16.18 3.88 -5.61
C ARG A 283 -14.74 3.66 -6.03
N GLU A 284 -13.81 4.28 -5.28
CA GLU A 284 -12.39 3.96 -5.42
C GLU A 284 -12.16 2.46 -5.19
N ILE A 285 -11.31 1.86 -6.02
CA ILE A 285 -11.01 0.44 -5.95
C ILE A 285 -9.50 0.26 -5.96
N SER A 286 -9.00 -0.63 -5.11
CA SER A 286 -7.61 -1.09 -5.18
C SER A 286 -7.60 -2.58 -4.87
N ILE A 287 -6.45 -3.22 -5.09
CA ILE A 287 -6.31 -4.65 -4.88
C ILE A 287 -5.41 -4.89 -3.68
N GLU A 288 -5.91 -5.66 -2.73
CA GLU A 288 -5.10 -6.03 -1.57
C GLU A 288 -5.37 -7.49 -1.25
N ASN A 289 -4.29 -8.26 -1.09
CA ASN A 289 -4.38 -9.67 -0.76
C ASN A 289 -5.26 -10.40 -1.77
N GLY A 290 -5.06 -10.08 -3.05
CA GLY A 290 -5.80 -10.71 -4.12
C GLY A 290 -7.29 -10.43 -4.16
N THR A 291 -7.77 -9.44 -3.40
CA THR A 291 -9.19 -9.13 -3.37
C THR A 291 -9.42 -7.63 -3.53
N ILE A 292 -10.67 -7.28 -3.86
CA ILE A 292 -11.08 -5.89 -4.05
C ILE A 292 -11.09 -5.16 -2.71
N LYS A 293 -10.57 -3.94 -2.69
CA LYS A 293 -10.71 -3.04 -1.54
C LYS A 293 -11.46 -1.79 -1.99
N LYS A 294 -12.63 -1.54 -1.38
CA LYS A 294 -13.44 -0.38 -1.74
C LYS A 294 -13.11 0.83 -0.87
N GLY A 295 -13.09 2.01 -1.49
CA GLY A 295 -12.88 3.26 -0.80
C GLY A 295 -14.06 4.20 -0.96
N LYS A 296 -13.80 5.49 -0.95
CA LYS A 296 -14.84 6.50 -0.98
C LYS A 296 -15.44 6.65 -2.38
N LEU A 297 -16.54 7.39 -2.46
CA LEU A 297 -17.21 7.67 -3.73
C LEU A 297 -16.33 8.55 -4.62
N ILE A 298 -16.46 8.34 -5.93
CA ILE A 298 -15.69 9.08 -6.92
C ILE A 298 -16.48 10.30 -7.37
N LYS A 299 -15.84 11.47 -7.28
CA LYS A 299 -16.47 12.72 -7.67
C LYS A 299 -16.97 12.68 -9.12
N ASP A 300 -18.26 13.02 -9.30
CA ASP A 300 -18.87 13.17 -10.63
C ASP A 300 -18.79 11.89 -11.46
N VAL A 301 -18.65 10.72 -10.85
CA VAL A 301 -18.56 9.49 -11.63
C VAL A 301 -19.84 9.24 -12.44
N LEU A 302 -20.97 9.75 -11.97
CA LEU A 302 -22.25 9.58 -12.66
C LEU A 302 -22.77 10.89 -13.25
N SER A 303 -21.87 11.79 -13.63
CA SER A 303 -22.33 13.07 -14.17
C SER A 303 -22.82 12.97 -15.61
N LYS A 304 -22.47 11.89 -16.32
CA LYS A 304 -22.90 11.73 -17.71
C LYS A 304 -23.38 10.30 -17.98
N ILE A 305 -24.37 9.85 -17.19
CA ILE A 305 -25.11 8.65 -17.54
C ILE A 305 -25.74 8.81 -18.90
N ASP A 306 -25.51 7.85 -19.78
CA ASP A 306 -26.03 7.86 -21.15
C ASP A 306 -27.07 6.77 -21.31
N ILE A 307 -28.34 7.17 -21.47
CA ILE A 307 -29.47 6.26 -21.51
C ILE A 307 -30.03 6.21 -22.93
N ASN A 308 -30.13 5.01 -23.48
CA ASN A 308 -30.79 4.77 -24.76
C ASN A 308 -31.54 3.45 -24.67
N LYS A 309 -32.52 3.27 -25.56
CA LYS A 309 -33.35 2.07 -25.54
C LYS A 309 -32.52 0.80 -25.62
N ASN A 310 -31.40 0.83 -26.34
CA ASN A 310 -30.58 -0.36 -26.52
C ASN A 310 -29.21 -0.26 -25.86
N LYS A 311 -28.95 0.77 -25.06
CA LYS A 311 -27.62 0.94 -24.48
C LYS A 311 -27.66 1.88 -23.29
N LEU A 312 -27.02 1.46 -22.19
CA LEU A 312 -26.83 2.26 -20.99
C LEU A 312 -25.33 2.37 -20.74
N ILE A 313 -24.83 3.58 -20.56
CA ILE A 313 -23.44 3.84 -20.23
C ILE A 313 -23.41 4.45 -18.83
N ILE A 314 -22.75 3.76 -17.90
CA ILE A 314 -22.62 4.18 -16.50
C ILE A 314 -21.13 4.19 -16.19
N GLY A 315 -20.50 5.36 -16.23
CA GLY A 315 -19.07 5.40 -16.02
C GLY A 315 -18.39 4.54 -17.06
N ASN A 316 -17.52 3.63 -16.60
CA ASN A 316 -16.79 2.72 -17.48
C ASN A 316 -17.60 1.50 -17.86
N GLN A 317 -18.85 1.41 -17.41
CA GLN A 317 -19.72 0.29 -17.74
C GLN A 317 -20.55 0.62 -18.98
N THR A 318 -20.66 -0.36 -19.86
CA THR A 318 -21.51 -0.25 -21.04
C THR A 318 -22.39 -1.50 -21.05
N ILE A 319 -23.69 -1.32 -20.87
CA ILE A 319 -24.64 -2.43 -20.91
C ILE A 319 -25.48 -2.26 -22.17
N ASP A 320 -25.41 -3.24 -23.06
CA ASP A 320 -26.25 -3.25 -24.25
C ASP A 320 -27.53 -4.05 -23.99
N PHE A 321 -28.59 -3.66 -24.69
CA PHE A 321 -29.89 -4.27 -24.45
C PHE A 321 -30.48 -4.73 -25.77
N SER A 322 -31.02 -5.95 -25.78
CA SER A 322 -31.71 -6.49 -26.94
C SER A 322 -33.06 -7.05 -26.49
N GLY A 323 -33.79 -7.62 -27.43
CA GLY A 323 -35.08 -8.21 -27.11
C GLY A 323 -36.15 -7.14 -27.05
N ASP A 324 -36.91 -7.14 -25.96
CA ASP A 324 -38.04 -6.25 -25.79
C ASP A 324 -37.60 -4.82 -25.44
N ILE A 325 -36.83 -4.22 -26.35
CA ILE A 325 -36.27 -2.89 -26.09
C ILE A 325 -37.22 -1.74 -26.42
N ASP A 326 -38.38 -2.00 -27.00
CA ASP A 326 -39.31 -0.93 -27.30
C ASP A 326 -40.42 -0.82 -26.27
N ASN A 327 -40.29 -1.54 -25.16
CA ASN A 327 -41.24 -1.50 -24.06
C ASN A 327 -41.14 -0.15 -23.34
N LYS A 328 -42.17 0.68 -23.50
CA LYS A 328 -42.17 2.00 -22.87
C LYS A 328 -42.33 1.92 -21.35
N ASP A 329 -42.83 0.81 -20.82
CA ASP A 329 -43.21 0.73 -19.42
C ASP A 329 -42.13 0.16 -18.51
N ARG A 330 -41.02 -0.35 -19.05
CA ARG A 330 -40.02 -1.02 -18.23
C ARG A 330 -39.11 -0.05 -17.51
N TYR A 331 -38.82 -0.36 -16.25
CA TYR A 331 -37.76 0.31 -15.52
C TYR A 331 -36.71 -0.73 -15.13
N ILE A 332 -35.44 -0.34 -15.22
CA ILE A 332 -34.36 -1.10 -14.60
C ILE A 332 -33.76 -0.24 -13.49
N PHE A 333 -32.98 -0.88 -12.64
CA PHE A 333 -32.52 -0.22 -11.42
C PHE A 333 -31.02 -0.37 -11.26
N LEU A 334 -30.37 0.72 -10.90
CA LEU A 334 -28.98 0.70 -10.47
C LEU A 334 -28.97 0.95 -8.96
N THR A 335 -28.10 0.26 -8.24
CA THR A 335 -28.05 0.42 -6.79
C THR A 335 -26.63 0.59 -6.29
N CYS A 336 -26.49 1.32 -5.19
CA CYS A 336 -25.21 1.46 -4.52
C CYS A 336 -25.47 1.96 -3.11
N GLU A 337 -24.42 1.87 -2.29
CA GLU A 337 -24.49 2.27 -0.90
C GLU A 337 -23.90 3.65 -0.74
N LEU A 338 -24.66 4.55 -0.11
CA LEU A 338 -24.13 5.88 0.16
C LEU A 338 -23.47 5.92 1.52
N ASP A 339 -24.10 5.30 2.50
CA ASP A 339 -23.62 5.12 3.86
C ASP A 339 -23.81 3.66 4.22
N ASP A 340 -23.30 3.25 5.37
CA ASP A 340 -23.55 1.89 5.82
C ASP A 340 -25.03 1.63 6.13
N LYS A 341 -25.89 2.64 6.06
CA LYS A 341 -27.31 2.47 6.34
C LYS A 341 -28.24 2.97 5.24
N ILE A 342 -27.73 3.72 4.25
CA ILE A 342 -28.57 4.31 3.21
C ILE A 342 -28.15 3.77 1.85
N SER A 343 -29.12 3.25 1.10
CA SER A 343 -28.92 2.77 -0.26
C SER A 343 -29.52 3.75 -1.26
N LEU A 344 -28.80 3.94 -2.37
CA LEU A 344 -29.28 4.76 -3.47
C LEU A 344 -29.70 3.86 -4.61
N ILE A 345 -30.93 4.03 -5.07
CA ILE A 345 -31.48 3.31 -6.21
C ILE A 345 -31.74 4.34 -7.31
N ILE A 346 -31.20 4.07 -8.50
CA ILE A 346 -31.40 4.91 -9.66
C ILE A 346 -32.39 4.17 -10.56
N GLU A 347 -33.63 4.66 -10.63
CA GLU A 347 -34.66 4.03 -11.44
C GLU A 347 -34.55 4.55 -12.87
N ILE A 348 -34.25 3.66 -13.82
CA ILE A 348 -33.95 4.04 -15.19
C ILE A 348 -35.04 3.50 -16.11
N ASN A 349 -35.54 4.36 -17.01
CA ASN A 349 -36.42 3.95 -18.09
C ASN A 349 -35.67 4.13 -19.40
N LEU A 350 -35.27 3.01 -20.01
CA LEU A 350 -34.40 3.08 -21.19
C LEU A 350 -35.10 3.78 -22.34
N VAL A 351 -36.39 3.56 -22.51
CA VAL A 351 -37.11 4.15 -23.64
C VAL A 351 -37.30 5.64 -23.41
N ALA A 352 -37.74 6.02 -22.21
CA ALA A 352 -37.88 7.44 -21.89
C ALA A 352 -36.53 8.16 -21.82
N LYS A 353 -35.42 7.41 -21.73
CA LYS A 353 -34.09 8.02 -21.61
C LYS A 353 -34.02 8.91 -20.36
N SER A 354 -34.56 8.39 -19.26
CA SER A 354 -34.78 9.18 -18.06
C SER A 354 -34.40 8.37 -16.84
N TYR A 355 -34.14 9.07 -15.73
CA TYR A 355 -33.97 8.40 -14.45
C TYR A 355 -34.53 9.28 -13.34
N SER A 356 -34.86 8.63 -12.23
CA SER A 356 -35.15 9.31 -10.98
C SER A 356 -34.47 8.52 -9.88
N LEU A 357 -34.47 9.10 -8.69
CA LEU A 357 -33.73 8.56 -7.56
C LEU A 357 -34.68 8.11 -6.46
N LEU A 358 -34.26 7.06 -5.76
CA LEU A 358 -34.94 6.56 -4.58
C LEU A 358 -33.89 6.34 -3.51
N LEU A 359 -34.08 6.95 -2.36
CA LEU A 359 -33.24 6.70 -1.20
C LEU A 359 -33.98 5.75 -0.28
N SER A 360 -33.25 4.78 0.25
CA SER A 360 -33.87 3.77 1.10
C SER A 360 -33.03 3.55 2.35
N GLY A 361 -33.69 3.55 3.50
CA GLY A 361 -33.03 3.30 4.76
C GLY A 361 -34.01 3.50 5.89
N ASP A 362 -33.50 3.38 7.11
CA ASP A 362 -34.33 3.64 8.27
C ASP A 362 -34.81 5.09 8.27
N LYS A 363 -36.10 5.29 8.60
CA LYS A 363 -36.70 6.62 8.53
C LYS A 363 -35.98 7.61 9.42
N ASN A 364 -35.74 7.24 10.68
CA ASN A 364 -35.05 8.13 11.60
C ASN A 364 -33.68 8.51 11.06
N TYR A 365 -32.85 7.51 10.73
CA TYR A 365 -31.51 7.78 10.23
C TYR A 365 -31.56 8.62 8.95
N LEU A 366 -32.36 8.19 7.96
CA LEU A 366 -32.35 8.84 6.66
C LEU A 366 -32.74 10.31 6.76
N ILE A 367 -33.83 10.61 7.49
CA ILE A 367 -34.28 12.00 7.60
C ILE A 367 -33.26 12.84 8.37
N SER A 368 -32.62 12.23 9.38
CA SER A 368 -31.52 12.90 10.08
C SER A 368 -30.44 13.34 9.10
N ASN A 369 -29.80 12.35 8.44
CA ASN A 369 -28.68 12.58 7.54
C ASN A 369 -29.13 12.96 6.12
N LEU A 370 -30.28 13.62 5.97
CA LEU A 370 -30.77 13.94 4.63
C LEU A 370 -29.85 14.92 3.92
N SER A 371 -29.41 15.96 4.61
CA SER A 371 -28.50 16.93 4.01
C SER A 371 -27.22 16.24 3.53
N ASN A 372 -26.57 15.48 4.43
CA ASN A 372 -25.37 14.75 4.06
C ASN A 372 -25.62 13.89 2.83
N THR A 373 -26.78 13.23 2.79
CA THR A 373 -27.06 12.28 1.73
C THR A 373 -27.27 12.99 0.40
N ILE A 374 -27.96 14.12 0.39
CA ILE A 374 -28.17 14.83 -0.86
C ILE A 374 -26.86 15.42 -1.36
N GLU A 375 -25.93 15.69 -0.45
CA GLU A 375 -24.61 16.16 -0.87
C GLU A 375 -23.88 15.06 -1.64
N LYS A 376 -23.95 13.83 -1.14
CA LYS A 376 -23.32 12.70 -1.83
C LYS A 376 -23.89 12.50 -3.22
N ILE A 377 -25.22 12.57 -3.35
CA ILE A 377 -25.85 12.46 -4.66
C ILE A 377 -25.31 13.51 -5.60
N ASN A 378 -25.21 14.75 -5.12
CA ASN A 378 -24.72 15.83 -5.95
C ASN A 378 -23.23 15.65 -6.25
N THR A 379 -22.48 15.10 -5.30
CA THR A 379 -21.07 14.82 -5.53
C THR A 379 -20.89 13.79 -6.62
N LEU A 380 -21.76 12.77 -6.64
CA LEU A 380 -21.72 11.75 -7.69
C LEU A 380 -22.05 12.32 -9.07
N GLY A 381 -22.53 13.57 -9.16
CA GLY A 381 -22.87 14.15 -10.44
C GLY A 381 -24.32 13.94 -10.86
N LEU A 382 -25.15 13.39 -10.00
CA LEU A 382 -26.55 13.10 -10.33
C LEU A 382 -27.44 14.33 -10.16
N ASP A 383 -28.47 14.40 -11.01
CA ASP A 383 -29.60 15.30 -10.84
C ASP A 383 -30.36 14.89 -9.59
N SER A 384 -30.53 15.82 -8.65
CA SER A 384 -31.24 15.53 -7.40
C SER A 384 -32.66 16.08 -7.42
N LYS A 385 -33.22 16.29 -8.62
CA LYS A 385 -34.50 17.00 -8.73
C LYS A 385 -35.70 16.09 -8.52
N ASN A 386 -35.56 14.79 -8.77
CA ASN A 386 -36.64 13.82 -8.63
C ASN A 386 -36.17 12.73 -7.68
N ILE A 387 -36.68 12.73 -6.46
CA ILE A 387 -36.21 11.82 -5.42
C ILE A 387 -37.41 11.26 -4.67
N ALA A 388 -37.48 9.94 -4.54
CA ALA A 388 -38.44 9.28 -3.66
C ALA A 388 -37.73 8.70 -2.45
N TYR A 389 -38.50 8.46 -1.39
CA TYR A 389 -37.95 8.05 -0.10
C TYR A 389 -38.67 6.80 0.40
N ASN A 390 -37.89 5.76 0.69
CA ASN A 390 -38.41 4.49 1.17
C ASN A 390 -37.82 4.22 2.55
N TYR A 391 -38.66 4.27 3.59
CA TYR A 391 -38.21 4.03 4.94
C TYR A 391 -38.45 2.57 5.33
N THR A 392 -37.50 1.99 6.05
CA THR A 392 -37.58 0.59 6.45
C THR A 392 -38.26 0.42 7.81
N GLN B 2 -11.26 26.05 -18.01
CA GLN B 2 -10.45 26.42 -16.85
C GLN B 2 -9.56 25.27 -16.38
N VAL B 3 -10.01 24.03 -16.57
CA VAL B 3 -9.18 22.87 -16.24
C VAL B 3 -8.00 22.81 -17.20
N GLN B 4 -6.80 22.65 -16.65
CA GLN B 4 -5.58 22.50 -17.44
C GLN B 4 -4.92 21.19 -17.05
N LEU B 5 -4.51 20.41 -18.05
CA LEU B 5 -3.69 19.22 -17.86
C LEU B 5 -2.65 19.23 -18.95
N VAL B 6 -1.38 19.16 -18.57
CA VAL B 6 -0.28 19.23 -19.54
C VAL B 6 0.78 18.19 -19.17
N GLU B 7 1.00 17.22 -20.05
CA GLU B 7 1.99 16.18 -19.83
C GLU B 7 3.36 16.60 -20.33
N SER B 8 4.39 16.07 -19.69
CA SER B 8 5.79 16.27 -20.06
C SER B 8 6.55 14.99 -19.84
N GLY B 9 7.74 14.91 -20.44
CA GLY B 9 8.68 13.85 -20.15
C GLY B 9 8.89 12.82 -21.24
N GLY B 10 8.10 12.86 -22.32
CA GLY B 10 8.29 11.90 -23.38
C GLY B 10 9.54 12.18 -24.19
N GLY B 11 9.81 11.30 -25.15
CA GLY B 11 10.97 11.48 -26.01
C GLY B 11 11.36 10.18 -26.66
N LEU B 12 12.42 10.25 -27.45
CA LEU B 12 12.99 9.07 -28.08
C LEU B 12 13.85 8.34 -27.08
N VAL B 13 13.57 7.07 -26.87
CA VAL B 13 14.22 6.29 -25.84
C VAL B 13 14.70 4.99 -26.48
N GLN B 14 15.84 4.51 -26.03
CA GLN B 14 16.32 3.26 -26.57
C GLN B 14 15.73 2.08 -25.79
N PRO B 15 15.50 0.95 -26.47
CA PRO B 15 14.93 -0.22 -25.80
C PRO B 15 15.69 -0.57 -24.53
N GLY B 16 14.93 -0.81 -23.45
CA GLY B 16 15.51 -1.05 -22.14
C GLY B 16 15.66 0.17 -21.27
N GLY B 17 15.40 1.37 -21.80
CA GLY B 17 15.54 2.56 -20.99
C GLY B 17 14.36 2.81 -20.07
N SER B 18 14.55 3.76 -19.15
CA SER B 18 13.49 4.24 -18.25
C SER B 18 13.18 5.70 -18.52
N LEU B 19 11.95 6.08 -18.14
CA LEU B 19 11.40 7.39 -18.44
C LEU B 19 10.37 7.68 -17.37
N ARG B 20 10.33 8.91 -16.86
CA ARG B 20 9.29 9.33 -15.92
C ARG B 20 8.46 10.43 -16.56
N LEU B 21 7.20 10.14 -16.83
CA LEU B 21 6.28 11.15 -17.32
C LEU B 21 5.65 11.87 -16.14
N SER B 22 5.20 13.09 -16.40
CA SER B 22 4.56 13.91 -15.41
C SER B 22 3.39 14.62 -16.08
N CYS B 23 2.39 14.97 -15.29
CA CYS B 23 1.28 15.77 -15.79
C CYS B 23 0.97 16.81 -14.74
N ALA B 24 1.06 18.08 -15.11
CA ALA B 24 0.71 19.18 -14.24
C ALA B 24 -0.77 19.47 -14.41
N ALA B 25 -1.43 19.79 -13.30
CA ALA B 25 -2.87 20.05 -13.29
C ALA B 25 -3.15 21.39 -12.64
N SER B 26 -4.20 22.06 -13.13
CA SER B 26 -4.69 23.26 -12.48
C SER B 26 -6.16 23.44 -12.86
N GLY B 27 -6.84 24.30 -12.10
CA GLY B 27 -8.21 24.62 -12.42
C GLY B 27 -9.22 23.81 -11.65
N PHE B 28 -8.77 22.91 -10.79
CA PHE B 28 -9.63 22.12 -9.93
C PHE B 28 -8.79 21.69 -8.74
N THR B 29 -9.48 21.14 -7.73
CA THR B 29 -8.83 20.64 -6.52
C THR B 29 -8.30 19.24 -6.81
N PHE B 30 -7.02 19.19 -7.21
CA PHE B 30 -6.35 17.96 -7.63
C PHE B 30 -6.58 16.80 -6.67
N SER B 31 -6.39 17.05 -5.37
CA SER B 31 -6.44 15.98 -4.38
C SER B 31 -7.84 15.40 -4.22
N ASP B 32 -8.88 16.07 -4.70
CA ASP B 32 -10.24 15.56 -4.64
C ASP B 32 -10.55 14.54 -5.74
N TYR B 33 -9.64 14.31 -6.68
CA TYR B 33 -9.94 13.47 -7.82
C TYR B 33 -9.01 12.27 -7.86
N VAL B 34 -9.55 11.16 -8.35
CA VAL B 34 -8.71 10.07 -8.82
C VAL B 34 -8.23 10.47 -10.20
N MET B 35 -7.06 9.96 -10.61
CA MET B 35 -6.43 10.37 -11.86
C MET B 35 -5.90 9.14 -12.60
N THR B 36 -5.93 9.22 -13.93
CA THR B 36 -5.65 8.09 -14.83
C THR B 36 -4.54 8.42 -15.81
N TRP B 37 -3.68 7.43 -16.10
CA TRP B 37 -2.81 7.48 -17.28
C TRP B 37 -3.37 6.57 -18.35
N VAL B 38 -3.40 7.08 -19.58
CA VAL B 38 -3.82 6.35 -20.77
C VAL B 38 -2.69 6.43 -21.79
N ARG B 39 -2.62 5.44 -22.67
CA ARG B 39 -1.79 5.59 -23.85
C ARG B 39 -2.59 5.19 -25.07
N GLN B 40 -2.19 5.75 -26.22
CA GLN B 40 -2.92 5.51 -27.46
C GLN B 40 -1.94 5.46 -28.61
N ALA B 41 -1.90 4.31 -29.28
CA ALA B 41 -1.16 4.15 -30.53
C ALA B 41 -2.13 4.11 -31.70
N PRO B 42 -1.71 4.55 -32.89
CA PRO B 42 -2.55 4.38 -34.07
C PRO B 42 -2.91 2.92 -34.29
N GLY B 43 -4.12 2.69 -34.79
CA GLY B 43 -4.56 1.33 -35.08
C GLY B 43 -5.06 0.55 -33.90
N LYS B 44 -5.08 1.14 -32.70
CA LYS B 44 -5.63 0.52 -31.50
C LYS B 44 -6.62 1.46 -30.83
N GLY B 45 -7.48 0.89 -30.00
CA GLY B 45 -8.26 1.69 -29.09
C GLY B 45 -7.35 2.30 -28.05
N PRO B 46 -7.84 3.28 -27.30
CA PRO B 46 -7.05 3.79 -26.17
C PRO B 46 -6.81 2.68 -25.16
N GLU B 47 -5.65 2.71 -24.51
CA GLU B 47 -5.27 1.69 -23.53
C GLU B 47 -5.20 2.31 -22.15
N TRP B 48 -6.06 1.84 -21.25
CA TRP B 48 -5.97 2.26 -19.86
C TRP B 48 -4.73 1.66 -19.21
N ILE B 49 -3.92 2.49 -18.57
CA ILE B 49 -2.74 2.00 -17.87
C ILE B 49 -3.00 1.82 -16.38
N ALA B 50 -3.40 2.89 -15.70
CA ALA B 50 -3.58 2.84 -14.26
C ALA B 50 -4.36 4.07 -13.80
N THR B 51 -5.00 3.93 -12.64
CA THR B 51 -5.72 5.01 -11.98
C THR B 51 -5.26 5.08 -10.54
N ILE B 52 -5.00 6.29 -10.03
CA ILE B 52 -4.58 6.48 -8.64
C ILE B 52 -5.70 7.17 -7.89
N ASN B 53 -6.03 6.60 -6.73
CA ASN B 53 -7.13 7.04 -5.89
C ASN B 53 -6.70 8.25 -5.07
N THR B 54 -7.67 8.91 -4.42
CA THR B 54 -7.31 10.09 -3.63
C THR B 54 -6.45 9.72 -2.42
N ASP B 55 -6.45 8.45 -2.01
CA ASP B 55 -5.64 8.01 -0.90
C ASP B 55 -4.31 7.41 -1.33
N GLY B 56 -3.94 7.54 -2.59
CA GLY B 56 -2.68 7.02 -3.07
C GLY B 56 -2.69 5.56 -3.46
N SER B 57 -3.73 4.82 -3.09
CA SER B 57 -3.89 3.47 -3.61
C SER B 57 -4.12 3.54 -5.12
N THR B 58 -3.92 2.41 -5.80
CA THR B 58 -3.95 2.40 -7.25
C THR B 58 -4.80 1.24 -7.76
N MET B 59 -5.27 1.41 -8.98
CA MET B 59 -5.88 0.34 -9.73
C MET B 59 -5.16 0.29 -11.07
N ARG B 60 -4.71 -0.89 -11.50
CA ARG B 60 -3.83 -0.95 -12.66
C ARG B 60 -4.05 -2.21 -13.48
N ASP B 61 -3.70 -2.10 -14.76
CA ASP B 61 -3.62 -3.26 -15.63
C ASP B 61 -2.39 -4.08 -15.28
N ASP B 62 -2.57 -5.37 -15.10
CA ASP B 62 -1.46 -6.21 -14.65
C ASP B 62 -0.53 -6.63 -15.76
N SER B 63 -0.82 -6.28 -17.01
CA SER B 63 0.19 -6.44 -18.05
C SER B 63 1.25 -5.32 -17.99
N THR B 64 0.88 -4.13 -17.52
CA THR B 64 1.82 -3.05 -17.19
C THR B 64 2.49 -3.24 -15.82
N LYS B 65 2.35 -4.44 -15.23
CA LYS B 65 2.70 -4.69 -13.84
C LYS B 65 4.19 -4.53 -13.60
N GLY B 66 4.54 -3.67 -12.67
CA GLY B 66 5.91 -3.47 -12.31
C GLY B 66 6.58 -2.47 -13.18
N ARG B 67 6.43 -2.60 -14.51
CA ARG B 67 7.14 -1.71 -15.42
C ARG B 67 6.61 -0.28 -15.38
N PHE B 68 5.29 -0.12 -15.24
CA PHE B 68 4.68 1.20 -15.16
C PHE B 68 4.15 1.43 -13.75
N THR B 69 4.46 2.58 -13.15
CA THR B 69 4.02 2.88 -11.79
C THR B 69 3.42 4.28 -11.75
N ILE B 70 2.14 4.37 -11.35
CA ILE B 70 1.49 5.67 -11.19
C ILE B 70 1.72 6.16 -9.76
N SER B 71 1.85 7.47 -9.62
CA SER B 71 2.01 8.11 -8.33
C SER B 71 1.57 9.56 -8.49
N ARG B 72 1.31 10.21 -7.36
CA ARG B 72 0.84 11.58 -7.36
C ARG B 72 1.58 12.37 -6.29
N ASP B 73 1.75 13.68 -6.55
CA ASP B 73 2.27 14.63 -5.57
C ASP B 73 1.24 15.76 -5.51
N ASN B 74 0.37 15.72 -4.50
CA ASN B 74 -0.74 16.67 -4.44
C ASN B 74 -0.25 18.11 -4.27
N ALA B 75 0.77 18.31 -3.43
CA ALA B 75 1.31 19.65 -3.24
C ALA B 75 1.85 20.27 -4.53
N LYS B 76 2.38 19.44 -5.45
CA LYS B 76 2.86 19.93 -6.73
C LYS B 76 1.80 19.86 -7.82
N ASN B 77 0.58 19.42 -7.49
CA ASN B 77 -0.49 19.20 -8.48
C ASN B 77 0.01 18.43 -9.69
N THR B 78 0.70 17.33 -9.44
CA THR B 78 1.35 16.59 -10.52
C THR B 78 1.11 15.10 -10.37
N LEU B 79 0.78 14.48 -11.51
CA LEU B 79 0.68 13.04 -11.64
C LEU B 79 1.94 12.54 -12.34
N TYR B 80 2.42 11.36 -11.94
CA TYR B 80 3.64 10.78 -12.51
C TYR B 80 3.36 9.39 -13.05
N LEU B 81 4.10 9.00 -14.08
CA LEU B 81 4.12 7.63 -14.55
C LEU B 81 5.58 7.25 -14.75
N GLN B 82 6.09 6.39 -13.87
CA GLN B 82 7.43 5.87 -14.03
C GLN B 82 7.38 4.67 -14.95
N MET B 83 8.20 4.69 -15.99
CA MET B 83 8.26 3.61 -16.97
C MET B 83 9.67 3.02 -16.96
N THR B 84 9.73 1.69 -17.05
CA THR B 84 10.94 0.91 -16.85
C THR B 84 11.03 -0.13 -17.97
N SER B 85 12.25 -0.42 -18.43
CA SER B 85 12.48 -1.44 -19.47
C SER B 85 11.58 -1.22 -20.68
N LEU B 86 11.68 -0.03 -21.27
CA LEU B 86 10.81 0.25 -22.40
C LEU B 86 11.18 -0.61 -23.61
N LYS B 87 10.19 -0.84 -24.44
CA LYS B 87 10.26 -1.72 -25.60
C LYS B 87 9.53 -1.05 -26.75
N PRO B 88 9.84 -1.41 -28.00
CA PRO B 88 9.20 -0.73 -29.13
C PRO B 88 7.69 -0.76 -29.12
N GLU B 89 7.08 -1.81 -28.58
CA GLU B 89 5.63 -1.92 -28.49
C GLU B 89 5.01 -0.89 -27.55
N ASP B 90 5.82 -0.25 -26.70
CA ASP B 90 5.37 0.81 -25.79
C ASP B 90 5.23 2.18 -26.48
N THR B 91 5.68 2.29 -27.73
CA THR B 91 5.56 3.55 -28.46
C THR B 91 4.10 3.95 -28.59
N ALA B 92 3.77 5.13 -28.04
CA ALA B 92 2.42 5.65 -28.13
C ALA B 92 2.45 7.08 -27.62
N LEU B 93 1.31 7.75 -27.75
CA LEU B 93 1.07 9.02 -27.07
C LEU B 93 0.51 8.70 -25.69
N TYR B 94 1.21 9.10 -24.64
CA TYR B 94 0.77 8.90 -23.26
C TYR B 94 0.11 10.16 -22.76
N TYR B 95 -1.07 10.03 -22.15
CA TYR B 95 -1.76 11.20 -21.65
C TYR B 95 -2.50 10.90 -20.37
N CYS B 96 -2.74 11.98 -19.63
CA CYS B 96 -3.41 11.97 -18.35
C CYS B 96 -4.88 12.33 -18.53
N ALA B 97 -5.73 11.69 -17.74
CA ALA B 97 -7.16 12.02 -17.77
C ALA B 97 -7.63 12.18 -16.34
N ARG B 98 -8.56 13.11 -16.14
CA ARG B 98 -9.11 13.30 -14.81
C ARG B 98 -10.15 12.22 -14.55
N GLY B 99 -10.17 11.72 -13.32
CA GLY B 99 -11.15 10.70 -12.98
C GLY B 99 -10.63 9.31 -13.29
N ARG B 100 -11.54 8.34 -13.24
CA ARG B 100 -11.22 6.95 -13.52
C ARG B 100 -11.82 6.60 -14.87
N VAL B 101 -11.01 6.62 -15.93
CA VAL B 101 -11.52 6.40 -17.28
C VAL B 101 -10.80 5.19 -17.88
N ILE B 102 -11.58 4.16 -18.17
CA ILE B 102 -11.08 2.85 -18.56
C ILE B 102 -11.68 2.37 -19.87
N SER B 103 -13.01 2.46 -20.02
CA SER B 103 -13.63 2.07 -21.28
C SER B 103 -13.26 3.06 -22.37
N ALA B 104 -13.39 2.61 -23.62
CA ALA B 104 -13.04 3.47 -24.75
C ALA B 104 -13.88 4.73 -24.74
N SER B 105 -15.19 4.60 -24.54
CA SER B 105 -16.03 5.79 -24.57
C SER B 105 -15.68 6.74 -23.43
N ALA B 106 -15.47 6.21 -22.22
CA ALA B 106 -15.09 7.06 -21.10
C ALA B 106 -13.78 7.78 -21.36
N ILE B 107 -12.81 7.07 -21.94
CA ILE B 107 -11.54 7.72 -22.27
C ILE B 107 -11.75 8.80 -23.33
N ARG B 108 -12.49 8.47 -24.41
CA ARG B 108 -12.65 9.49 -25.46
C ARG B 108 -13.46 10.69 -24.99
N GLY B 109 -14.31 10.54 -23.98
CA GLY B 109 -15.03 11.67 -23.40
C GLY B 109 -14.38 12.30 -22.19
N ALA B 110 -13.11 11.98 -21.90
CA ALA B 110 -12.50 12.39 -20.64
C ALA B 110 -12.00 13.83 -20.71
N VAL B 111 -11.80 14.41 -19.53
CA VAL B 111 -11.01 15.63 -19.44
C VAL B 111 -9.56 15.18 -19.42
N ARG B 112 -8.80 15.60 -20.43
CA ARG B 112 -7.49 15.02 -20.65
C ARG B 112 -6.53 16.07 -21.19
N GLY B 113 -5.24 15.77 -21.08
CA GLY B 113 -4.22 16.61 -21.65
C GLY B 113 -3.90 16.19 -23.06
N PRO B 114 -3.12 17.01 -23.76
CA PRO B 114 -2.76 16.70 -25.16
C PRO B 114 -1.88 15.46 -25.29
N GLY B 115 -1.17 15.07 -24.24
CA GLY B 115 -0.31 13.90 -24.25
C GLY B 115 1.15 14.26 -24.43
N THR B 116 2.02 13.28 -24.13
CA THR B 116 3.45 13.38 -24.42
C THR B 116 3.88 12.13 -25.17
N GLN B 117 4.54 12.32 -26.31
CA GLN B 117 4.85 11.20 -27.17
C GLN B 117 6.05 10.45 -26.64
N VAL B 118 5.96 9.13 -26.60
CA VAL B 118 7.04 8.26 -26.19
C VAL B 118 7.34 7.34 -27.36
N THR B 119 8.58 7.38 -27.84
CA THR B 119 8.98 6.59 -29.01
C THR B 119 10.18 5.73 -28.64
N VAL B 120 10.01 4.41 -28.73
CA VAL B 120 11.08 3.44 -28.48
C VAL B 120 11.28 2.68 -29.78
N SER B 121 12.51 2.65 -30.26
CA SER B 121 12.71 2.01 -31.55
C SER B 121 14.12 1.45 -31.66
N SER B 122 14.28 0.56 -32.64
CA SER B 122 15.54 -0.11 -32.96
C SER B 122 16.12 0.49 -34.23
N THR C 9 -18.23 12.66 27.70
CA THR C 9 -17.59 13.29 26.55
C THR C 9 -16.20 13.82 26.94
N VAL C 10 -16.18 15.01 27.57
CA VAL C 10 -14.92 15.63 27.97
C VAL C 10 -14.11 14.71 28.87
N ALA C 11 -14.80 14.01 29.78
CA ALA C 11 -14.10 13.18 30.76
C ALA C 11 -13.49 11.94 30.12
N SER C 12 -14.14 11.39 29.10
CA SER C 12 -13.55 10.25 28.38
C SER C 12 -12.26 10.66 27.69
N ILE C 13 -12.22 11.86 27.14
CA ILE C 13 -11.03 12.32 26.44
C ILE C 13 -9.86 12.46 27.40
N VAL C 14 -10.10 13.00 28.59
CA VAL C 14 -9.01 13.12 29.55
C VAL C 14 -8.67 11.78 30.16
N GLY C 15 -9.58 10.80 30.11
CA GLY C 15 -9.22 9.45 30.50
C GLY C 15 -8.15 8.87 29.60
N ILE C 16 -8.26 9.11 28.29
CA ILE C 16 -7.22 8.71 27.35
C ILE C 16 -5.88 9.32 27.74
N GLY C 17 -5.84 10.64 27.91
CA GLY C 17 -4.59 11.31 28.22
C GLY C 17 -3.92 10.76 29.47
N ALA C 18 -4.72 10.43 30.49
CA ALA C 18 -4.19 9.88 31.73
C ALA C 18 -3.34 8.64 31.46
N GLU C 19 -3.93 7.62 30.83
CA GLU C 19 -3.23 6.35 30.63
C GLU C 19 -1.99 6.54 29.77
N VAL C 20 -2.14 7.19 28.61
CA VAL C 20 -1.03 7.34 27.66
C VAL C 20 0.17 8.02 28.34
N THR C 21 -0.11 9.01 29.18
CA THR C 21 0.98 9.84 29.71
C THR C 21 1.88 9.09 30.69
N ILE C 22 1.34 8.11 31.42
CA ILE C 22 2.06 7.55 32.57
C ILE C 22 3.02 6.40 32.27
N PHE C 23 3.38 6.17 31.00
CA PHE C 23 4.47 5.23 30.71
C PHE C 23 5.80 5.92 30.47
N LEU C 24 6.85 5.35 31.07
CA LEU C 24 8.23 5.71 30.79
C LEU C 24 8.88 4.59 29.97
N LEU C 25 8.39 4.43 28.75
CA LEU C 25 8.92 3.44 27.83
C LEU C 25 10.26 3.91 27.25
N PRO C 26 11.14 2.98 26.86
CA PRO C 26 12.43 3.39 26.32
C PRO C 26 12.29 3.95 24.91
N ILE C 27 13.25 4.79 24.55
CA ILE C 27 13.34 5.23 23.16
C ILE C 27 13.71 4.05 22.25
N ALA C 28 13.52 4.26 20.95
CA ALA C 28 13.93 3.27 19.97
C ALA C 28 15.43 3.02 20.08
N GLY C 29 15.84 1.76 19.89
CA GLY C 29 17.25 1.41 19.80
C GLY C 29 17.93 1.06 21.11
N ILE C 30 17.22 1.14 22.25
CA ILE C 30 17.88 0.81 23.52
C ILE C 30 18.31 -0.64 23.55
N SER C 31 17.54 -1.52 22.90
CA SER C 31 17.87 -2.94 22.87
C SER C 31 18.57 -3.36 21.58
N ALA C 32 18.18 -2.76 20.46
CA ALA C 32 18.76 -3.12 19.18
C ALA C 32 20.00 -2.32 18.83
N GLY C 33 20.23 -1.20 19.51
CA GLY C 33 21.33 -0.33 19.17
C GLY C 33 20.83 0.89 18.42
N ILE C 34 21.47 2.02 18.64
CA ILE C 34 21.26 3.24 17.85
C ILE C 34 22.46 3.42 16.95
N PRO C 35 22.29 3.57 15.63
CA PRO C 35 23.45 3.60 14.73
C PRO C 35 24.23 4.91 14.83
N SER C 36 25.45 4.86 14.35
CA SER C 36 26.32 6.03 14.31
C SER C 36 26.74 6.29 12.87
N LEU C 37 26.84 7.57 12.52
CA LEU C 37 27.38 7.95 11.23
C LEU C 37 28.90 7.88 11.27
N VAL C 38 29.48 7.02 10.44
CA VAL C 38 30.92 6.86 10.37
C VAL C 38 31.29 6.89 8.90
N ASN C 39 32.04 7.91 8.49
CA ASN C 39 32.40 8.13 7.09
C ASN C 39 31.17 8.08 6.18
N ASN C 40 30.13 8.80 6.60
CA ASN C 40 28.87 8.95 5.85
C ASN C 40 28.12 7.64 5.63
N GLU C 41 28.33 6.67 6.51
CA GLU C 41 27.54 5.45 6.54
C GLU C 41 27.00 5.25 7.94
N LEU C 42 25.75 4.82 8.03
CA LEU C 42 25.19 4.48 9.33
C LEU C 42 25.71 3.11 9.74
N ILE C 43 26.38 3.05 10.88
CA ILE C 43 26.93 1.82 11.42
C ILE C 43 26.05 1.41 12.59
N LEU C 44 25.37 0.26 12.48
CA LEU C 44 24.54 -0.14 13.61
C LEU C 44 25.38 -0.80 14.69
N HIS C 45 26.33 -1.65 14.30
CA HIS C 45 27.23 -2.30 15.23
C HIS C 45 28.57 -2.51 14.55
N ASP C 46 29.63 -2.41 15.35
CA ASP C 46 30.98 -2.33 14.79
C ASP C 46 31.98 -3.28 15.46
N LYS C 47 31.52 -4.24 16.25
CA LYS C 47 32.37 -5.31 16.77
C LYS C 47 31.66 -6.64 16.57
N ALA C 48 32.44 -7.70 16.29
CA ALA C 48 31.83 -9.02 16.06
C ALA C 48 30.86 -9.40 17.19
N THR C 49 31.25 -9.20 18.44
CA THR C 49 30.37 -9.64 19.51
C THR C 49 29.08 -8.82 19.54
N SER C 50 29.15 -7.53 19.23
CA SER C 50 27.91 -6.74 19.29
C SER C 50 27.05 -6.99 18.07
N VAL C 51 27.66 -7.30 16.92
CA VAL C 51 26.86 -7.77 15.78
C VAL C 51 26.13 -9.05 16.15
N VAL C 52 26.85 -10.02 16.73
CA VAL C 52 26.19 -11.27 17.14
C VAL C 52 25.08 -10.97 18.13
N ASN C 53 25.33 -10.07 19.07
CA ASN C 53 24.29 -9.72 20.03
C ASN C 53 23.06 -9.13 19.36
N TYR C 54 23.25 -8.38 18.28
CA TYR C 54 22.08 -7.87 17.56
C TYR C 54 21.22 -9.02 17.04
N PHE C 55 21.84 -10.04 16.45
CA PHE C 55 21.07 -11.19 15.98
C PHE C 55 20.45 -11.96 17.15
N ASN C 56 21.14 -11.98 18.29
CA ASN C 56 20.55 -12.56 19.49
C ASN C 56 19.29 -11.81 19.89
N HIS C 57 19.34 -10.48 19.86
CA HIS C 57 18.16 -9.68 20.16
C HIS C 57 17.04 -9.99 19.18
N LEU C 58 17.37 -10.09 17.89
CA LEU C 58 16.34 -10.30 16.87
C LEU C 58 15.65 -11.64 17.06
N SER C 59 16.41 -12.66 17.51
CA SER C 59 15.88 -14.00 17.74
C SER C 59 14.86 -14.04 18.88
N GLU C 60 14.81 -13.01 19.71
CA GLU C 60 13.76 -12.95 20.71
C GLU C 60 12.38 -12.82 20.08
N SER C 61 12.29 -12.49 18.78
CA SER C 61 11.00 -12.45 18.12
C SER C 61 10.44 -13.85 17.90
N LYS C 62 11.29 -14.85 17.74
CA LYS C 62 10.80 -16.22 17.70
C LYS C 62 10.46 -16.71 19.09
N LYS C 63 11.35 -16.45 20.05
CA LYS C 63 11.16 -17.00 21.39
C LYS C 63 9.96 -16.39 22.10
N TYR C 64 9.67 -15.11 21.86
CA TYR C 64 8.59 -14.41 22.55
C TYR C 64 7.49 -13.87 21.64
N GLY C 65 7.60 -14.04 20.33
CA GLY C 65 6.66 -13.45 19.41
C GLY C 65 7.06 -12.05 19.04
N PRO C 66 6.40 -11.48 18.02
CA PRO C 66 6.77 -10.14 17.56
C PRO C 66 6.39 -9.01 18.50
N LEU C 67 5.52 -9.26 19.47
CA LEU C 67 5.12 -8.22 20.41
C LEU C 67 5.24 -8.74 21.83
N LYS C 68 5.82 -7.92 22.68
CA LYS C 68 5.86 -8.18 24.11
C LYS C 68 4.75 -7.40 24.78
N THR C 69 4.25 -7.93 25.89
CA THR C 69 3.30 -7.25 26.74
C THR C 69 4.04 -6.73 27.96
N GLU C 70 4.07 -5.40 28.13
CA GLU C 70 4.77 -4.79 29.25
C GLU C 70 3.76 -4.41 30.33
N ASP C 71 4.11 -4.73 31.58
CA ASP C 71 3.31 -4.31 32.75
C ASP C 71 1.83 -4.66 32.61
N ASP C 72 1.53 -5.75 31.90
CA ASP C 72 0.16 -6.23 31.71
C ASP C 72 -0.78 -5.17 31.13
N LYS C 73 -0.24 -4.23 30.34
CA LYS C 73 -1.10 -3.15 29.88
C LYS C 73 -0.80 -2.70 28.45
N ILE C 74 0.44 -2.81 27.99
CA ILE C 74 0.81 -2.24 26.70
C ILE C 74 1.55 -3.27 25.84
N LEU C 75 1.14 -3.36 24.57
CA LEU C 75 1.77 -4.22 23.57
C LEU C 75 2.93 -3.47 22.92
N VAL C 76 4.10 -4.10 22.89
CA VAL C 76 5.34 -3.43 22.48
C VAL C 76 6.14 -4.30 21.52
N PRO C 77 6.29 -3.88 20.27
CA PRO C 77 7.05 -4.71 19.33
C PRO C 77 8.52 -4.81 19.74
N ILE C 78 9.11 -5.94 19.39
CA ILE C 78 10.57 -6.11 19.50
C ILE C 78 11.24 -4.88 18.92
N ASP C 79 12.21 -4.33 19.65
CA ASP C 79 12.98 -3.20 19.16
C ASP C 79 13.62 -3.52 17.82
N ASP C 80 13.35 -2.68 16.82
CA ASP C 80 13.92 -2.75 15.47
C ASP C 80 13.34 -3.89 14.64
N LEU C 81 12.23 -4.49 15.06
CA LEU C 81 11.56 -5.48 14.23
C LEU C 81 10.68 -4.78 13.20
N VAL C 82 10.87 -5.14 11.92
CA VAL C 82 10.21 -4.46 10.81
C VAL C 82 8.80 -5.04 10.67
N ILE C 83 7.83 -4.32 11.24
CA ILE C 83 6.41 -4.66 11.11
C ILE C 83 5.79 -3.67 10.14
N SER C 84 5.25 -4.17 9.02
CA SER C 84 4.70 -3.35 7.97
C SER C 84 3.17 -3.25 8.02
N GLU C 85 2.53 -4.09 8.79
CA GLU C 85 1.08 -4.04 8.85
C GLU C 85 0.63 -4.59 10.19
N ILE C 86 -0.40 -3.98 10.76
CA ILE C 86 -1.04 -4.48 11.98
C ILE C 86 -2.53 -4.53 11.69
N ASP C 87 -3.11 -5.74 11.69
CA ASP C 87 -4.51 -5.98 11.32
C ASP C 87 -5.27 -6.42 12.56
N PHE C 88 -6.03 -5.50 13.17
CA PHE C 88 -6.76 -5.85 14.38
C PHE C 88 -8.01 -6.67 14.10
N ASN C 89 -8.54 -6.58 12.87
CA ASN C 89 -9.67 -7.40 12.45
C ASN C 89 -9.30 -8.87 12.38
N ASN C 90 -8.09 -9.19 11.92
CA ASN C 90 -7.62 -10.56 11.72
C ASN C 90 -6.55 -11.00 12.71
N ASN C 91 -6.22 -10.19 13.70
CA ASN C 91 -5.25 -10.55 14.74
C ASN C 91 -3.92 -10.99 14.12
N SER C 92 -3.46 -10.22 13.13
CA SER C 92 -2.25 -10.58 12.40
C SER C 92 -1.36 -9.36 12.21
N ILE C 93 -0.11 -9.62 11.81
CA ILE C 93 0.82 -8.59 11.36
C ILE C 93 1.48 -9.10 10.09
N LYS C 94 2.04 -8.16 9.32
CA LYS C 94 2.92 -8.49 8.23
C LYS C 94 4.28 -7.91 8.58
N LEU C 95 5.34 -8.58 8.12
CA LEU C 95 6.70 -8.12 8.35
C LEU C 95 7.25 -7.47 7.08
N GLY C 96 8.12 -6.50 7.27
CA GLY C 96 8.79 -5.85 6.16
C GLY C 96 10.09 -6.55 5.83
N THR C 97 10.95 -5.86 5.09
CA THR C 97 12.21 -6.42 4.59
C THR C 97 13.33 -6.21 5.59
N CYS C 98 13.97 -7.29 6.02
CA CYS C 98 15.18 -7.21 6.84
C CYS C 98 16.18 -8.17 6.19
N ASN C 99 16.93 -7.68 5.20
CA ASN C 99 17.84 -8.52 4.43
C ASN C 99 19.29 -8.20 4.79
N ILE C 100 20.19 -9.07 4.35
CA ILE C 100 21.63 -8.90 4.50
C ILE C 100 22.29 -9.36 3.21
N LEU C 101 23.30 -8.62 2.77
CA LEU C 101 23.95 -8.91 1.49
C LEU C 101 24.47 -10.34 1.49
N ALA C 102 24.33 -10.99 0.33
CA ALA C 102 24.85 -12.33 0.09
C ALA C 102 26.36 -12.31 -0.20
N MET C 103 26.98 -13.45 0.00
CA MET C 103 28.36 -13.71 -0.42
C MET C 103 28.39 -14.61 -1.67
N GLU C 104 29.58 -14.67 -2.28
CA GLU C 104 29.84 -15.51 -3.44
C GLU C 104 31.34 -15.79 -3.48
N GLY C 105 31.70 -16.87 -4.17
CA GLY C 105 33.10 -17.07 -4.52
C GLY C 105 33.98 -17.63 -3.42
N GLY C 106 33.42 -18.25 -2.38
CA GLY C 106 34.26 -18.97 -1.44
C GLY C 106 34.84 -20.22 -2.08
N SER C 107 36.11 -20.48 -1.80
CA SER C 107 36.86 -21.55 -2.47
C SER C 107 37.28 -22.62 -1.47
N GLY C 108 37.01 -23.87 -1.81
CA GLY C 108 37.43 -24.98 -0.96
C GLY C 108 36.77 -25.01 0.41
N HIS C 109 35.48 -24.72 0.48
CA HIS C 109 34.80 -24.67 1.78
C HIS C 109 34.71 -26.04 2.44
N THR C 110 35.00 -26.08 3.74
CA THR C 110 34.72 -27.23 4.59
C THR C 110 34.21 -26.70 5.92
N VAL C 111 33.72 -27.58 6.78
CA VAL C 111 33.31 -27.17 8.12
C VAL C 111 33.67 -28.29 9.08
N THR C 112 34.34 -27.93 10.18
CA THR C 112 34.68 -28.86 11.25
C THR C 112 34.28 -28.23 12.57
N GLY C 113 33.58 -28.99 13.41
CA GLY C 113 33.16 -28.47 14.69
C GLY C 113 32.33 -27.21 14.55
N ASN C 114 31.57 -27.15 13.46
CA ASN C 114 30.68 -26.03 13.11
C ASN C 114 31.44 -24.77 12.73
N ILE C 115 32.76 -24.82 12.60
CA ILE C 115 33.54 -23.64 12.21
C ILE C 115 33.81 -23.75 10.72
N ASP C 116 33.34 -22.79 9.95
CA ASP C 116 33.59 -22.82 8.52
C ASP C 116 35.06 -22.57 8.20
N HIS C 117 35.51 -23.19 7.12
CA HIS C 117 36.90 -23.17 6.66
C HIS C 117 36.92 -23.01 5.15
N PHE C 118 37.91 -22.25 4.65
CA PHE C 118 38.05 -22.01 3.22
C PHE C 118 39.51 -22.06 2.81
N PHE C 119 39.76 -22.53 1.59
CA PHE C 119 41.04 -22.27 0.96
C PHE C 119 41.20 -20.77 0.70
N SER C 120 40.13 -20.12 0.25
CA SER C 120 40.10 -18.71 -0.09
C SER C 120 38.72 -18.17 0.30
N SER C 121 38.68 -17.01 0.96
CA SER C 121 37.44 -16.56 1.60
C SER C 121 36.40 -16.09 0.59
N PRO C 122 35.11 -16.21 0.92
CA PRO C 122 34.06 -15.65 0.05
C PRO C 122 34.03 -14.14 0.19
N SER C 123 33.44 -13.49 -0.82
CA SER C 123 33.35 -12.05 -0.85
C SER C 123 31.88 -11.65 -0.76
N ILE C 124 31.63 -10.48 -0.22
CA ILE C 124 30.28 -9.94 -0.11
C ILE C 124 29.98 -9.13 -1.37
N SER C 125 28.79 -9.31 -1.93
CA SER C 125 28.40 -8.61 -3.17
C SER C 125 27.05 -7.93 -3.03
N SER C 126 26.98 -6.67 -3.45
CA SER C 126 25.70 -5.96 -3.52
C SER C 126 25.04 -6.08 -4.90
N HIS C 127 25.59 -6.89 -5.79
CA HIS C 127 25.07 -7.03 -7.14
C HIS C 127 24.35 -8.36 -7.33
N ILE C 128 24.15 -9.11 -6.26
CA ILE C 128 23.40 -10.36 -6.29
C ILE C 128 22.27 -10.21 -5.28
N PRO C 129 21.23 -11.02 -5.36
CA PRO C 129 20.09 -10.85 -4.44
C PRO C 129 20.52 -11.03 -2.99
N SER C 130 19.97 -10.20 -2.10
CA SER C 130 20.28 -10.28 -0.69
C SER C 130 19.41 -11.35 -0.02
N LEU C 131 19.72 -11.65 1.23
CA LEU C 131 19.14 -12.79 1.94
C LEU C 131 18.21 -12.32 3.05
N SER C 132 17.03 -12.94 3.16
CA SER C 132 16.07 -12.51 4.16
C SER C 132 16.47 -13.07 5.53
N ILE C 133 16.77 -12.16 6.48
CA ILE C 133 17.04 -12.62 7.83
C ILE C 133 15.78 -13.20 8.45
N TYR C 134 14.63 -12.59 8.18
CA TYR C 134 13.40 -13.02 8.85
C TYR C 134 12.95 -14.39 8.38
N SER C 135 13.29 -14.76 7.13
CA SER C 135 13.01 -16.12 6.67
C SER C 135 13.66 -17.15 7.58
N ALA C 136 14.86 -16.84 8.09
CA ALA C 136 15.56 -17.76 8.98
C ALA C 136 15.05 -17.74 10.41
N ILE C 137 14.43 -16.64 10.87
CA ILE C 137 13.88 -16.63 12.23
C ILE C 137 12.57 -17.41 12.29
N GLY C 138 11.70 -17.25 11.29
CA GLY C 138 10.40 -17.90 11.33
C GLY C 138 9.48 -17.31 12.38
N ILE C 139 9.06 -16.06 12.17
CA ILE C 139 8.30 -15.32 13.17
C ILE C 139 6.81 -15.62 12.99
N GLU C 140 6.14 -15.92 14.10
CA GLU C 140 4.70 -16.18 14.09
C GLU C 140 3.94 -14.86 13.94
N THR C 141 3.22 -14.71 12.83
CA THR C 141 2.49 -13.49 12.54
C THR C 141 0.98 -13.67 12.58
N GLU C 142 0.49 -14.83 13.04
CA GLU C 142 -0.92 -15.17 13.01
C GLU C 142 -1.47 -15.35 14.42
N ASN C 143 -2.79 -15.19 14.52
CA ASN C 143 -3.55 -15.51 15.73
C ASN C 143 -2.94 -14.87 16.96
N LEU C 144 -2.63 -13.58 16.83
CA LEU C 144 -2.01 -12.82 17.89
C LEU C 144 -3.06 -12.31 18.87
N ASP C 145 -2.61 -12.06 20.10
CA ASP C 145 -3.48 -11.60 21.17
C ASP C 145 -3.45 -10.07 21.19
N PHE C 146 -4.49 -9.45 20.62
CA PHE C 146 -4.67 -8.01 20.73
C PHE C 146 -5.67 -7.66 21.82
N SER C 147 -5.62 -8.44 22.91
CA SER C 147 -6.45 -8.19 24.09
C SER C 147 -6.22 -6.80 24.66
N LYS C 148 -4.96 -6.43 24.83
CA LYS C 148 -4.63 -5.13 25.40
C LYS C 148 -4.92 -4.03 24.39
N LYS C 149 -5.49 -2.92 24.89
CA LYS C 149 -5.96 -1.84 24.03
C LYS C 149 -4.96 -0.70 23.91
N ILE C 150 -3.73 -0.87 24.43
CA ILE C 150 -2.66 0.10 24.31
C ILE C 150 -1.50 -0.60 23.62
N MET C 151 -0.92 0.06 22.61
CA MET C 151 0.18 -0.53 21.85
C MET C 151 1.15 0.58 21.44
N MET C 152 2.44 0.36 21.64
CA MET C 152 3.43 1.24 21.01
C MET C 152 3.64 0.82 19.57
N LEU C 153 3.64 1.79 18.67
CA LEU C 153 3.77 1.49 17.26
C LEU C 153 5.19 0.99 16.97
N PRO C 154 5.35 0.18 15.93
CA PRO C 154 6.70 -0.28 15.56
C PRO C 154 7.60 0.89 15.20
N ASN C 155 8.91 0.63 15.24
CA ASN C 155 9.91 1.69 15.10
C ASN C 155 10.93 1.41 14.00
N ALA C 156 10.67 0.44 13.11
CA ALA C 156 11.72 -0.13 12.27
C ALA C 156 11.39 -0.08 10.78
N PRO C 157 12.09 0.72 9.99
CA PRO C 157 11.90 0.67 8.55
C PRO C 157 12.61 -0.52 7.92
N SER C 158 12.09 -0.95 6.77
CA SER C 158 12.76 -1.99 6.00
C SER C 158 14.21 -1.58 5.73
N ARG C 159 15.07 -2.57 5.51
CA ARG C 159 16.49 -2.31 5.32
C ARG C 159 17.11 -3.50 4.61
N VAL C 160 18.26 -3.22 3.99
CA VAL C 160 19.24 -4.24 3.60
C VAL C 160 20.52 -3.92 4.35
N PHE C 161 21.00 -4.88 5.14
CA PHE C 161 22.26 -4.73 5.84
C PHE C 161 23.42 -4.98 4.89
N TRP C 162 24.19 -3.94 4.60
CA TRP C 162 25.53 -4.17 4.11
C TRP C 162 26.41 -4.54 5.30
N TRP C 163 27.55 -5.17 5.04
CA TRP C 163 28.35 -5.61 6.17
C TRP C 163 29.77 -5.85 5.72
N GLU C 164 30.64 -6.06 6.70
CA GLU C 164 32.06 -6.24 6.45
C GLU C 164 32.59 -7.39 7.30
N THR C 165 33.62 -8.08 6.79
CA THR C 165 34.32 -9.04 7.62
C THR C 165 35.72 -8.50 7.90
N GLY C 166 36.34 -9.09 8.91
CA GLY C 166 37.75 -8.78 9.15
C GLY C 166 38.33 -9.83 10.07
N ALA C 167 39.63 -9.69 10.33
CA ALA C 167 40.31 -10.65 11.20
C ALA C 167 39.79 -10.53 12.62
N VAL C 168 39.20 -11.62 13.13
CA VAL C 168 38.71 -11.64 14.49
C VAL C 168 39.13 -12.95 15.14
N PRO C 169 40.23 -12.95 15.89
CA PRO C 169 40.67 -14.18 16.55
C PRO C 169 39.87 -14.45 17.81
N GLY C 170 39.83 -15.72 18.19
CA GLY C 170 39.29 -16.09 19.49
C GLY C 170 37.78 -16.22 19.55
N LEU C 171 37.10 -16.36 18.42
CA LEU C 171 35.64 -16.37 18.40
C LEU C 171 35.07 -17.78 18.19
N ARG C 172 35.90 -18.81 18.17
CA ARG C 172 35.43 -20.14 17.79
C ARG C 172 34.52 -20.76 18.82
N SER C 173 34.52 -20.27 20.05
CA SER C 173 33.71 -20.88 21.11
C SER C 173 32.46 -20.06 21.42
N LEU C 174 32.22 -18.96 20.71
CA LEU C 174 31.04 -18.13 20.95
C LEU C 174 29.81 -18.89 20.48
N GLU C 175 28.85 -19.09 21.38
CA GLU C 175 27.62 -19.81 21.04
C GLU C 175 26.47 -19.22 21.83
N ASN C 176 25.43 -18.75 21.14
CA ASN C 176 24.24 -18.21 21.77
C ASN C 176 23.15 -18.18 20.72
N ASP C 177 22.01 -17.58 21.06
CA ASP C 177 20.90 -17.55 20.11
C ASP C 177 21.25 -16.72 18.89
N GLY C 178 22.12 -15.72 19.04
CA GLY C 178 22.56 -14.95 17.89
C GLY C 178 23.42 -15.77 16.94
N THR C 179 24.38 -16.52 17.48
CA THR C 179 25.19 -17.38 16.60
C THR C 179 24.34 -18.47 15.97
N ARG C 180 23.33 -18.96 16.69
CA ARG C 180 22.44 -19.96 16.09
C ARG C 180 21.66 -19.38 14.92
N LEU C 181 21.11 -18.16 15.09
CA LEU C 181 20.43 -17.49 14.00
C LEU C 181 21.37 -17.23 12.82
N LEU C 182 22.58 -16.78 13.10
CA LEU C 182 23.55 -16.56 12.02
C LEU C 182 23.87 -17.88 11.30
N ASP C 183 24.02 -18.98 12.05
CA ASP C 183 24.22 -20.28 11.39
C ASP C 183 23.01 -20.70 10.58
N SER C 184 21.80 -20.34 11.05
CA SER C 184 20.60 -20.64 10.29
C SER C 184 20.59 -19.93 8.96
N ILE C 185 20.97 -18.65 8.95
CA ILE C 185 21.11 -17.93 7.68
C ILE C 185 22.14 -18.63 6.80
N ARG C 186 23.30 -18.95 7.36
CA ARG C 186 24.33 -19.68 6.61
C ARG C 186 23.77 -20.96 6.00
N ASP C 187 22.99 -21.70 6.77
CA ASP C 187 22.55 -23.04 6.36
C ASP C 187 21.32 -23.01 5.46
N LEU C 188 20.49 -21.94 5.53
CA LEU C 188 19.33 -21.82 4.66
C LEU C 188 19.68 -21.21 3.31
N TYR C 189 20.85 -20.57 3.20
CA TYR C 189 21.37 -20.02 1.95
C TYR C 189 22.78 -20.57 1.70
N PRO C 190 22.90 -21.88 1.50
CA PRO C 190 24.25 -22.47 1.44
C PRO C 190 25.12 -21.83 0.36
N GLY C 191 26.35 -21.50 0.74
CA GLY C 191 27.28 -20.83 -0.13
C GLY C 191 27.17 -19.33 -0.15
N LYS C 192 26.17 -18.76 0.51
CA LYS C 192 25.89 -17.34 0.36
C LYS C 192 26.06 -16.54 1.63
N PHE C 193 26.38 -17.17 2.76
CA PHE C 193 26.51 -16.41 4.00
C PHE C 193 27.43 -17.14 4.95
N TYR C 194 28.54 -16.49 5.31
CA TYR C 194 29.44 -17.01 6.32
C TYR C 194 29.84 -15.87 7.25
N TRP C 195 29.54 -16.02 8.54
CA TRP C 195 29.72 -14.94 9.50
C TRP C 195 30.95 -15.15 10.38
N ARG C 196 31.55 -16.34 10.33
CA ARG C 196 32.75 -16.67 11.11
C ARG C 196 33.48 -17.77 10.34
N PHE C 197 34.71 -17.54 9.94
CA PHE C 197 35.33 -18.58 9.14
C PHE C 197 36.86 -18.47 9.21
N TYR C 198 37.50 -19.59 8.91
CA TYR C 198 38.95 -19.64 8.81
C TYR C 198 39.35 -19.65 7.34
N ALA C 199 40.34 -18.79 7.00
CA ALA C 199 40.99 -18.78 5.69
C ALA C 199 42.40 -18.24 5.97
N PHE C 200 43.27 -19.14 6.44
CA PHE C 200 44.62 -18.86 6.97
C PHE C 200 44.60 -18.13 8.31
N PHE C 201 43.66 -17.20 8.50
CA PHE C 201 43.38 -16.51 9.75
C PHE C 201 41.90 -16.69 10.03
N ASP C 202 41.48 -16.46 11.26
CA ASP C 202 40.05 -16.42 11.58
C ASP C 202 39.45 -15.05 11.25
N TYR C 203 38.31 -15.05 10.55
CA TYR C 203 37.55 -13.87 10.19
C TYR C 203 36.17 -13.96 10.83
N ALA C 204 35.55 -12.79 11.06
CA ALA C 204 34.12 -12.77 11.35
C ALA C 204 33.50 -11.49 10.83
N ILE C 205 32.17 -11.47 10.79
CA ILE C 205 31.47 -10.22 10.55
C ILE C 205 31.86 -9.24 11.64
N THR C 206 32.23 -8.03 11.23
CA THR C 206 32.59 -7.02 12.21
C THR C 206 31.65 -5.83 12.22
N THR C 207 30.85 -5.66 11.18
CA THR C 207 30.22 -4.37 10.98
C THR C 207 28.90 -4.61 10.31
N LEU C 208 27.84 -3.98 10.83
CA LEU C 208 26.50 -4.09 10.30
C LEU C 208 26.09 -2.68 9.89
N LYS C 209 25.74 -2.51 8.61
CA LYS C 209 25.56 -1.19 8.00
C LYS C 209 24.22 -1.18 7.28
N PRO C 210 23.16 -0.77 7.96
CA PRO C 210 21.82 -0.79 7.34
C PRO C 210 21.69 0.27 6.27
N VAL C 211 21.04 -0.09 5.17
CA VAL C 211 20.54 0.87 4.21
C VAL C 211 19.01 0.82 4.28
N TYR C 212 18.42 1.80 4.97
CA TYR C 212 16.98 1.80 5.21
C TYR C 212 16.20 2.24 3.99
N GLU C 213 14.94 1.76 3.91
CA GLU C 213 14.06 2.03 2.77
C GLU C 213 12.74 2.58 3.30
N ASP C 214 12.12 3.48 2.52
CA ASP C 214 10.80 4.01 2.85
C ASP C 214 9.85 2.88 3.21
N THR C 215 9.15 3.02 4.33
CA THR C 215 8.36 1.93 4.87
C THR C 215 7.07 2.51 5.44
N ASN C 216 5.97 2.23 4.77
CA ASN C 216 4.66 2.58 5.30
C ASN C 216 4.10 1.43 6.12
N ILE C 217 3.66 1.75 7.33
CA ILE C 217 3.11 0.76 8.26
C ILE C 217 1.61 0.97 8.28
N LYS C 218 0.86 -0.01 7.80
CA LYS C 218 -0.60 0.09 7.75
C LYS C 218 -1.18 -0.51 9.04
N ILE C 219 -2.06 0.24 9.69
CA ILE C 219 -2.71 -0.20 10.92
C ILE C 219 -4.19 -0.30 10.57
N LYS C 220 -4.70 -1.52 10.47
CA LYS C 220 -6.10 -1.76 10.15
C LYS C 220 -6.88 -1.90 11.44
N LEU C 221 -7.61 -0.86 11.81
CA LEU C 221 -8.28 -0.78 13.10
C LEU C 221 -9.61 -1.52 13.08
N ASP C 222 -10.01 -2.02 14.24
CA ASP C 222 -11.34 -2.58 14.45
C ASP C 222 -12.25 -1.54 15.09
N LYS C 223 -13.55 -1.89 15.19
CA LYS C 223 -14.54 -1.02 15.83
C LYS C 223 -14.46 -1.24 17.33
N ASP C 224 -13.45 -0.64 17.93
CA ASP C 224 -13.15 -0.78 19.34
C ASP C 224 -12.38 0.47 19.77
N THR C 225 -11.98 0.49 21.03
CA THR C 225 -11.12 1.55 21.53
C THR C 225 -9.68 1.07 21.39
N ARG C 226 -8.85 1.85 20.71
CA ARG C 226 -7.44 1.49 20.50
C ARG C 226 -6.59 2.71 20.79
N ASN C 227 -5.69 2.59 21.75
CA ASN C 227 -4.78 3.67 22.10
C ASN C 227 -3.37 3.32 21.63
N PHE C 228 -2.71 4.30 21.03
CA PHE C 228 -1.38 4.07 20.47
C PHE C 228 -0.40 5.09 21.03
N ILE C 229 0.85 4.64 21.16
CA ILE C 229 1.98 5.45 21.57
C ILE C 229 2.97 5.45 20.43
N MET C 230 3.33 6.63 19.97
CA MET C 230 4.33 6.68 18.92
C MET C 230 5.73 6.53 19.52
N PRO C 231 6.60 5.72 18.92
CA PRO C 231 7.93 5.52 19.50
C PRO C 231 8.74 6.80 19.37
N THR C 232 9.79 6.91 20.20
CA THR C 232 10.71 8.03 20.10
C THR C 232 11.95 7.57 19.35
N ILE C 233 12.10 8.00 18.09
CA ILE C 233 13.20 7.56 17.22
C ILE C 233 14.15 8.74 17.06
N THR C 234 15.34 8.63 17.66
CA THR C 234 16.23 9.79 17.74
C THR C 234 17.15 9.89 16.54
N THR C 235 17.18 8.88 15.66
CA THR C 235 17.96 8.93 14.43
C THR C 235 17.09 9.47 13.29
N ASN C 236 17.44 10.67 12.81
CA ASN C 236 16.66 11.30 11.75
C ASN C 236 16.49 10.37 10.56
N GLU C 237 17.59 9.74 10.14
CA GLU C 237 17.55 8.95 8.91
C GLU C 237 16.57 7.79 9.04
N ILE C 238 16.48 7.18 10.21
CA ILE C 238 15.51 6.11 10.43
C ILE C 238 14.10 6.68 10.49
N ARG C 239 13.92 7.76 11.25
CA ARG C 239 12.58 8.29 11.47
C ARG C 239 11.97 8.81 10.17
N ASN C 240 12.79 9.42 9.30
CA ASN C 240 12.29 9.95 8.04
C ASN C 240 11.89 8.88 7.04
N LYS C 241 12.30 7.63 7.25
CA LYS C 241 11.88 6.54 6.38
C LYS C 241 10.57 5.87 6.82
N LEU C 242 10.01 6.26 7.95
CA LEU C 242 8.79 5.66 8.45
C LEU C 242 7.57 6.54 8.20
N SER C 243 6.45 5.91 7.94
CA SER C 243 5.14 6.56 8.01
C SER C 243 4.13 5.58 8.57
N TYR C 244 3.07 6.11 9.18
CA TYR C 244 1.97 5.31 9.69
C TYR C 244 0.71 5.64 8.91
N SER C 245 -0.07 4.62 8.61
CA SER C 245 -1.32 4.78 7.88
C SER C 245 -2.38 4.01 8.64
N PHE C 246 -3.28 4.74 9.31
CA PHE C 246 -4.36 4.13 10.07
C PHE C 246 -5.63 4.07 9.23
N ASP C 247 -6.33 2.94 9.30
CA ASP C 247 -7.61 2.73 8.62
C ASP C 247 -8.69 2.67 9.68
N GLY C 248 -9.46 3.75 9.82
CA GLY C 248 -10.46 3.79 10.87
C GLY C 248 -11.66 2.94 10.53
N ALA C 249 -12.27 2.37 11.59
CA ALA C 249 -13.42 1.48 11.42
C ALA C 249 -14.56 1.85 12.37
N GLY C 250 -14.65 3.12 12.74
CA GLY C 250 -15.77 3.60 13.52
C GLY C 250 -15.59 3.50 15.02
N GLY C 251 -14.39 3.15 15.51
CA GLY C 251 -14.12 3.06 16.93
C GLY C 251 -13.65 4.37 17.54
N THR C 252 -13.00 4.25 18.69
CA THR C 252 -12.41 5.38 19.42
C THR C 252 -10.90 5.18 19.48
N TYR C 253 -10.16 6.13 18.91
CA TYR C 253 -8.74 5.96 18.63
C TYR C 253 -7.96 7.12 19.21
N SER C 254 -6.85 6.82 19.87
CA SER C 254 -6.00 7.88 20.41
C SER C 254 -4.56 7.65 19.97
N LEU C 255 -3.83 8.74 19.77
CA LEU C 255 -2.44 8.63 19.36
C LEU C 255 -1.63 9.64 20.17
N LEU C 256 -0.65 9.15 20.94
CA LEU C 256 0.26 10.00 21.70
C LEU C 256 1.45 10.31 20.81
N LEU C 257 1.53 11.54 20.32
CA LEU C 257 2.54 11.91 19.34
C LEU C 257 3.90 12.09 20.00
N SER C 258 4.96 11.71 19.28
CA SER C 258 6.31 11.97 19.77
C SER C 258 6.78 13.37 19.34
N SER C 259 7.60 13.99 20.19
CA SER C 259 8.24 15.24 19.79
C SER C 259 9.21 15.04 18.64
N TYR C 260 9.64 13.80 18.40
CA TYR C 260 10.41 13.46 17.21
C TYR C 260 9.38 12.98 16.20
N PRO C 261 8.97 13.81 15.24
CA PRO C 261 7.73 13.54 14.50
C PRO C 261 7.88 12.43 13.47
N ILE C 262 6.77 11.73 13.22
CA ILE C 262 6.73 10.65 12.22
C ILE C 262 5.49 10.87 11.36
N SER C 263 5.66 10.73 10.04
CA SER C 263 4.55 10.93 9.12
C SER C 263 3.40 10.03 9.49
N THR C 264 2.20 10.59 9.57
CA THR C 264 1.03 9.85 9.98
C THR C 264 -0.11 10.25 9.06
N ASN C 265 -0.81 9.24 8.53
CA ASN C 265 -2.03 9.45 7.77
C ASN C 265 -3.16 8.69 8.42
N ILE C 266 -4.35 9.30 8.44
CA ILE C 266 -5.51 8.68 9.05
C ILE C 266 -6.61 8.60 8.01
N ASN C 267 -7.05 7.38 7.71
CA ASN C 267 -8.15 7.16 6.77
C ASN C 267 -9.42 7.17 7.61
N LEU C 268 -10.14 8.29 7.53
CA LEU C 268 -11.29 8.53 8.38
C LEU C 268 -12.50 7.73 7.91
N SER C 269 -13.11 7.02 8.86
CA SER C 269 -14.42 6.37 8.71
C SER C 269 -15.49 7.24 9.36
N LYS C 270 -16.75 6.96 9.00
CA LYS C 270 -17.85 7.83 9.43
C LYS C 270 -17.86 8.01 10.94
N ASP C 271 -17.84 6.92 11.69
CA ASP C 271 -18.08 7.06 13.13
C ASP C 271 -16.81 7.17 13.96
N ASP C 272 -15.64 7.33 13.32
CA ASP C 272 -14.38 7.46 14.05
C ASP C 272 -14.39 8.58 15.07
N LEU C 273 -13.92 8.28 16.29
CA LEU C 273 -13.55 9.31 17.26
C LEU C 273 -12.04 9.29 17.42
N TRP C 274 -11.38 10.36 16.98
CA TRP C 274 -9.92 10.45 17.06
C TRP C 274 -9.50 11.46 18.11
N ILE C 275 -8.58 11.06 19.00
CA ILE C 275 -7.98 11.93 20.00
C ILE C 275 -6.47 11.85 19.86
N PHE C 276 -5.84 13.00 19.69
CA PHE C 276 -4.38 13.09 19.56
C PHE C 276 -3.84 13.74 20.83
N ASN C 277 -3.01 13.01 21.55
CA ASN C 277 -2.38 13.56 22.75
C ASN C 277 -1.14 14.32 22.31
N ILE C 278 -1.16 15.64 22.47
CA ILE C 278 -0.03 16.48 22.05
C ILE C 278 0.82 16.93 23.23
N ASP C 279 0.78 16.19 24.35
CA ASP C 279 1.47 16.67 25.54
C ASP C 279 3.00 16.66 25.35
N ASN C 280 3.52 15.77 24.52
CA ASN C 280 4.95 15.84 24.23
C ASN C 280 5.25 16.96 23.24
N GLU C 281 4.34 17.22 22.30
CA GLU C 281 4.59 18.24 21.29
C GLU C 281 4.61 19.65 21.88
N VAL C 282 3.88 19.89 22.97
CA VAL C 282 3.79 21.25 23.51
C VAL C 282 4.83 21.52 24.59
N ARG C 283 5.66 20.55 24.95
CA ARG C 283 6.53 20.62 26.11
C ARG C 283 7.99 20.39 25.71
N GLU C 284 8.88 21.00 26.49
CA GLU C 284 10.30 20.66 26.42
C GLU C 284 10.48 19.15 26.60
N ILE C 285 11.38 18.58 25.79
CA ILE C 285 11.69 17.15 25.84
C ILE C 285 13.21 16.99 25.82
N SER C 286 13.71 16.07 26.64
CA SER C 286 15.10 15.62 26.58
C SER C 286 15.12 14.13 26.90
N ILE C 287 16.28 13.49 26.75
CA ILE C 287 16.39 12.05 26.99
C ILE C 287 17.28 11.81 28.19
N GLU C 288 16.78 11.00 29.10
CA GLU C 288 17.45 10.71 30.36
C GLU C 288 17.27 9.24 30.63
N ASN C 289 18.38 8.50 30.75
CA ASN C 289 18.35 7.06 31.01
C ASN C 289 17.56 6.31 29.93
N GLY C 290 17.66 6.77 28.69
CA GLY C 290 17.00 6.08 27.59
C GLY C 290 15.50 6.32 27.51
N THR C 291 14.97 7.26 28.28
CA THR C 291 13.54 7.56 28.21
C THR C 291 13.32 9.07 28.15
N ILE C 292 12.10 9.44 27.74
CA ILE C 292 11.75 10.84 27.58
C ILE C 292 11.68 11.50 28.95
N LYS C 293 12.11 12.76 29.01
CA LYS C 293 11.87 13.59 30.20
C LYS C 293 11.13 14.84 29.76
N LYS C 294 9.95 15.08 30.35
CA LYS C 294 9.12 16.21 29.97
C LYS C 294 9.36 17.41 30.87
N GLY C 295 9.45 18.59 30.26
CA GLY C 295 9.64 19.83 31.00
C GLY C 295 8.54 20.85 30.80
N LYS C 296 8.92 22.13 30.88
CA LYS C 296 7.96 23.23 30.80
C LYS C 296 7.34 23.34 29.41
N LEU C 297 6.18 23.98 29.35
CA LEU C 297 5.57 24.31 28.06
C LEU C 297 6.51 25.19 27.23
N ILE C 298 6.38 25.08 25.92
CA ILE C 298 7.19 25.82 24.96
C ILE C 298 6.42 27.04 24.49
N LYS C 299 7.05 28.21 24.62
CA LYS C 299 6.40 29.45 24.23
C LYS C 299 6.07 29.46 22.74
N ASP C 300 4.83 29.83 22.42
CA ASP C 300 4.33 29.98 21.05
C ASP C 300 4.37 28.67 20.27
N VAL C 301 4.39 27.53 20.96
CA VAL C 301 4.59 26.26 20.28
C VAL C 301 3.46 25.97 19.29
N LEU C 302 2.25 26.47 19.58
CA LEU C 302 1.07 26.18 18.77
C LEU C 302 0.64 27.35 17.90
N SER C 303 1.50 28.35 17.69
CA SER C 303 1.03 29.51 16.96
C SER C 303 0.87 29.24 15.47
N LYS C 304 1.37 28.11 14.96
CA LYS C 304 1.37 27.83 13.53
C LYS C 304 0.25 26.91 13.08
N ILE C 305 -0.81 26.74 13.87
CA ILE C 305 -1.81 25.72 13.55
C ILE C 305 -2.40 25.98 12.17
N ASP C 306 -2.44 24.92 11.35
CA ASP C 306 -2.99 25.00 10.01
C ASP C 306 -3.96 23.84 9.84
N ILE C 307 -5.22 24.16 9.52
CA ILE C 307 -6.31 23.20 9.52
C ILE C 307 -6.93 23.18 8.13
N ASN C 308 -6.96 22.00 7.50
CA ASN C 308 -7.63 21.75 6.24
C ASN C 308 -8.26 20.37 6.31
N LYS C 309 -9.18 20.10 5.38
CA LYS C 309 -9.96 18.86 5.48
C LYS C 309 -9.08 17.63 5.35
N ASN C 310 -7.93 17.75 4.69
CA ASN C 310 -7.06 16.61 4.52
C ASN C 310 -5.71 16.77 5.20
N LYS C 311 -5.50 17.81 6.01
CA LYS C 311 -4.19 17.96 6.66
C LYS C 311 -4.32 18.85 7.89
N LEU C 312 -3.73 18.40 9.00
CA LEU C 312 -3.60 19.18 10.23
C LEU C 312 -2.12 19.36 10.53
N ILE C 313 -1.69 20.60 10.71
CA ILE C 313 -0.32 20.92 11.10
C ILE C 313 -0.37 21.51 12.50
N ILE C 314 0.26 20.82 13.46
CA ILE C 314 0.31 21.24 14.85
C ILE C 314 1.78 21.26 15.22
N GLY C 315 2.42 22.43 15.23
CA GLY C 315 3.84 22.46 15.58
C GLY C 315 4.59 21.59 14.58
N ASN C 316 5.39 20.65 15.10
CA ASN C 316 6.15 19.76 14.23
C ASN C 316 5.37 18.54 13.79
N GLN C 317 4.08 18.47 14.11
CA GLN C 317 3.27 17.31 13.80
C GLN C 317 2.47 17.62 12.54
N THR C 318 2.50 16.68 11.60
CA THR C 318 1.70 16.80 10.39
C THR C 318 0.90 15.52 10.30
N ILE C 319 -0.43 15.65 10.34
CA ILE C 319 -1.31 14.50 10.21
C ILE C 319 -2.11 14.69 8.94
N ASP C 320 -1.96 13.75 8.01
CA ASP C 320 -2.72 13.76 6.77
C ASP C 320 -3.98 12.94 6.94
N PHE C 321 -5.04 13.34 6.23
CA PHE C 321 -6.31 12.65 6.35
C PHE C 321 -6.85 12.28 4.99
N SER C 322 -7.39 11.06 4.90
CA SER C 322 -8.04 10.54 3.70
C SER C 322 -9.35 9.87 4.09
N GLY C 323 -10.07 9.42 3.08
CA GLY C 323 -11.35 8.76 3.32
C GLY C 323 -12.48 9.78 3.43
N ASP C 324 -13.20 9.75 4.56
CA ASP C 324 -14.44 10.49 4.71
C ASP C 324 -14.13 11.96 5.02
N ILE C 325 -13.27 12.59 4.21
CA ILE C 325 -12.75 13.91 4.57
C ILE C 325 -13.70 15.06 4.30
N ASP C 326 -14.80 14.84 3.59
CA ASP C 326 -15.75 15.91 3.32
C ASP C 326 -16.88 15.94 4.32
N ASN C 327 -16.81 15.13 5.38
CA ASN C 327 -17.84 15.08 6.40
C ASN C 327 -17.80 16.36 7.24
N LYS C 328 -18.80 17.22 7.08
CA LYS C 328 -18.83 18.46 7.83
C LYS C 328 -19.07 18.26 9.32
N ASP C 329 -19.54 17.08 9.75
CA ASP C 329 -19.96 16.87 11.13
C ASP C 329 -18.84 16.43 12.05
N ARG C 330 -17.74 15.92 11.51
CA ARG C 330 -16.71 15.31 12.33
C ARG C 330 -15.91 16.35 13.10
N TYR C 331 -15.72 16.08 14.39
CA TYR C 331 -14.75 16.80 15.18
C TYR C 331 -13.65 15.83 15.57
N ILE C 332 -12.40 16.29 15.54
CA ILE C 332 -11.28 15.58 16.16
C ILE C 332 -10.80 16.41 17.34
N PHE C 333 -10.07 15.76 18.24
CA PHE C 333 -9.68 16.38 19.50
C PHE C 333 -8.18 16.23 19.71
N LEU C 334 -7.55 17.33 20.13
CA LEU C 334 -6.17 17.36 20.59
C LEU C 334 -6.23 17.60 22.09
N THR C 335 -5.33 16.99 22.85
CA THR C 335 -5.38 17.25 24.28
C THR C 335 -3.97 17.29 24.85
N CYS C 336 -3.85 17.99 25.98
CA CYS C 336 -2.60 18.05 26.71
C CYS C 336 -2.89 18.59 28.10
N GLU C 337 -1.83 18.68 28.90
CA GLU C 337 -1.88 19.18 30.26
C GLU C 337 -1.38 20.61 30.26
N LEU C 338 -2.27 21.56 30.56
CA LEU C 338 -1.86 22.95 30.66
C LEU C 338 -1.18 23.26 32.00
N ASP C 339 -1.49 22.47 33.02
CA ASP C 339 -0.98 22.65 34.37
C ASP C 339 -1.24 21.32 35.08
N ASP C 340 -0.70 21.19 36.29
CA ASP C 340 -1.07 20.05 37.12
C ASP C 340 -2.57 20.04 37.32
N LYS C 341 -3.23 19.02 36.79
CA LYS C 341 -4.66 18.74 36.88
C LYS C 341 -5.53 19.60 35.95
N ILE C 342 -4.96 20.51 35.16
CA ILE C 342 -5.73 21.34 34.22
C ILE C 342 -5.47 20.81 32.80
N SER C 343 -6.51 20.28 32.17
CA SER C 343 -6.40 19.72 30.82
C SER C 343 -6.90 20.70 29.79
N LEU C 344 -6.21 20.75 28.66
CA LEU C 344 -6.62 21.53 27.51
C LEU C 344 -7.16 20.59 26.45
N ILE C 345 -8.35 20.89 25.93
CA ILE C 345 -8.89 20.13 24.82
C ILE C 345 -9.10 21.09 23.66
N ILE C 346 -8.48 20.78 22.53
CA ILE C 346 -8.64 21.58 21.31
C ILE C 346 -9.56 20.81 20.39
N GLU C 347 -10.79 21.30 20.22
CA GLU C 347 -11.79 20.67 19.36
C GLU C 347 -11.63 21.22 17.95
N ILE C 348 -11.30 20.34 17.00
CA ILE C 348 -11.02 20.74 15.63
C ILE C 348 -12.07 20.15 14.69
N ASN C 349 -12.63 20.99 13.83
CA ASN C 349 -13.45 20.55 12.71
C ASN C 349 -12.61 20.76 11.46
N LEU C 350 -12.14 19.65 10.87
CA LEU C 350 -11.23 19.75 9.75
C LEU C 350 -11.88 20.46 8.56
N VAL C 351 -13.16 20.18 8.29
CA VAL C 351 -13.79 20.80 7.12
C VAL C 351 -13.99 22.30 7.36
N ALA C 352 -14.42 22.67 8.57
CA ALA C 352 -14.62 24.08 8.89
C ALA C 352 -13.32 24.84 9.04
N LYS C 353 -12.18 24.15 9.10
CA LYS C 353 -10.87 24.78 9.27
C LYS C 353 -10.85 25.60 10.55
N SER C 354 -11.46 25.06 11.61
CA SER C 354 -11.73 25.80 12.84
C SER C 354 -11.32 25.00 14.06
N TYR C 355 -11.01 25.71 15.14
CA TYR C 355 -10.76 25.06 16.42
C TYR C 355 -11.42 25.85 17.54
N SER C 356 -11.80 25.12 18.59
CA SER C 356 -12.36 25.68 19.81
C SER C 356 -11.52 25.18 20.98
N LEU C 357 -11.42 25.98 22.03
CA LEU C 357 -10.63 25.60 23.19
C LEU C 357 -11.52 25.31 24.39
N LEU C 358 -11.20 24.24 25.10
CA LEU C 358 -11.87 23.90 26.35
C LEU C 358 -10.83 23.59 27.40
N LEU C 359 -10.95 24.23 28.57
CA LEU C 359 -10.14 23.95 29.73
C LEU C 359 -11.00 23.23 30.76
N SER C 360 -10.52 22.09 31.24
CA SER C 360 -11.24 21.25 32.18
C SER C 360 -10.39 21.13 33.44
N GLY C 361 -11.00 21.31 34.60
CA GLY C 361 -10.24 21.27 35.84
C GLY C 361 -11.12 21.61 37.02
N ASP C 362 -10.49 21.71 38.19
CA ASP C 362 -11.21 22.02 39.43
C ASP C 362 -11.84 23.41 39.36
N LYS C 363 -13.12 23.49 39.74
CA LYS C 363 -13.86 24.75 39.70
C LYS C 363 -13.10 25.88 40.38
N ASN C 364 -12.79 25.70 41.66
CA ASN C 364 -12.20 26.78 42.44
C ASN C 364 -10.89 27.25 41.83
N TYR C 365 -10.02 26.31 41.44
CA TYR C 365 -8.76 26.69 40.82
C TYR C 365 -9.00 27.52 39.56
N LEU C 366 -9.91 27.07 38.69
CA LEU C 366 -10.11 27.73 37.40
C LEU C 366 -10.79 29.09 37.53
N ILE C 367 -11.70 29.24 38.50
CA ILE C 367 -12.33 30.54 38.71
C ILE C 367 -11.31 31.59 39.13
N SER C 368 -10.52 31.26 40.17
CA SER C 368 -9.57 32.24 40.70
C SER C 368 -8.42 32.51 39.75
N ASN C 369 -8.15 31.60 38.81
CA ASN C 369 -7.05 31.73 37.87
C ASN C 369 -7.51 32.05 36.45
N LEU C 370 -8.67 32.70 36.33
CA LEU C 370 -9.25 32.95 35.01
C LEU C 370 -8.26 33.72 34.13
N SER C 371 -7.66 34.78 34.67
CA SER C 371 -6.76 35.58 33.84
C SER C 371 -5.42 34.88 33.63
N ASN C 372 -5.00 34.03 34.56
CA ASN C 372 -3.75 33.29 34.38
C ASN C 372 -3.88 32.25 33.27
N THR C 373 -5.07 31.66 33.11
CA THR C 373 -5.25 30.66 32.05
C THR C 373 -5.28 31.33 30.68
N ILE C 374 -5.90 32.51 30.58
CA ILE C 374 -5.88 33.25 29.32
C ILE C 374 -4.44 33.57 28.94
N GLU C 375 -3.62 33.92 29.93
CA GLU C 375 -2.21 34.21 29.67
C GLU C 375 -1.46 32.98 29.21
N LYS C 376 -1.75 31.82 29.81
CA LYS C 376 -1.07 30.59 29.43
C LYS C 376 -1.49 30.15 28.03
N ILE C 377 -2.77 30.26 27.71
CA ILE C 377 -3.22 29.98 26.34
C ILE C 377 -2.54 30.92 25.34
N ASN C 378 -2.52 32.22 25.63
CA ASN C 378 -1.78 33.15 24.78
C ASN C 378 -0.31 32.74 24.65
N THR C 379 0.29 32.31 25.76
CA THR C 379 1.70 31.95 25.74
C THR C 379 1.97 30.75 24.84
N LEU C 380 0.98 29.85 24.71
CA LEU C 380 1.04 28.72 23.81
C LEU C 380 0.90 29.10 22.35
N GLY C 381 0.58 30.35 22.04
CA GLY C 381 0.34 30.77 20.68
C GLY C 381 -1.10 30.66 20.23
N LEU C 382 -2.02 30.34 21.12
CA LEU C 382 -3.41 30.12 20.78
C LEU C 382 -4.22 31.41 20.93
N ASP C 383 -5.35 31.46 20.23
CA ASP C 383 -6.29 32.57 20.36
C ASP C 383 -7.11 32.34 21.62
N SER C 384 -6.90 33.18 22.64
CA SER C 384 -7.60 33.05 23.91
C SER C 384 -9.00 33.65 23.87
N LYS C 385 -9.44 34.14 22.72
CA LYS C 385 -10.82 34.58 22.60
C LYS C 385 -11.74 33.38 22.72
N ASN C 386 -12.72 33.50 23.61
CA ASN C 386 -13.85 32.56 23.69
C ASN C 386 -13.40 31.17 24.18
N ILE C 387 -12.65 31.13 25.28
CA ILE C 387 -12.31 29.86 25.90
C ILE C 387 -13.51 29.34 26.66
N ALA C 388 -13.80 28.03 26.51
CA ALA C 388 -14.83 27.39 27.30
C ALA C 388 -14.19 26.65 28.46
N TYR C 389 -14.87 26.66 29.60
CA TYR C 389 -14.37 26.06 30.83
C TYR C 389 -15.33 24.97 31.27
N ASN C 390 -14.77 23.81 31.63
CA ASN C 390 -15.51 22.71 32.22
C ASN C 390 -15.03 22.57 33.66
N TYR C 391 -15.87 23.00 34.61
CA TYR C 391 -15.48 23.04 36.01
C TYR C 391 -15.87 21.72 36.68
N THR C 392 -14.89 20.99 37.20
CA THR C 392 -15.13 19.72 37.85
C THR C 392 -15.22 19.89 39.36
N ASP C 393 -15.78 18.88 40.00
CA ASP C 393 -16.02 18.81 41.44
C ASP C 393 -15.01 19.58 42.30
N GLN D 2 11.95 43.69 15.67
CA GLN D 2 13.13 43.77 16.54
C GLN D 2 13.83 42.41 16.73
N VAL D 3 13.14 41.31 16.42
CA VAL D 3 13.76 40.00 16.49
C VAL D 3 14.89 39.92 15.47
N GLN D 4 16.11 39.65 15.95
CA GLN D 4 17.28 39.49 15.09
C GLN D 4 18.05 38.24 15.48
N LEU D 5 18.48 37.48 14.47
CA LEU D 5 19.26 36.28 14.67
C LEU D 5 20.37 36.32 13.63
N VAL D 6 21.63 36.26 14.07
CA VAL D 6 22.77 36.40 13.15
C VAL D 6 23.81 35.34 13.50
N GLU D 7 24.03 34.39 12.58
CA GLU D 7 25.00 33.33 12.79
C GLU D 7 26.39 33.75 12.31
N SER D 8 27.40 33.20 12.98
CA SER D 8 28.80 33.36 12.62
C SER D 8 29.50 32.03 12.80
N GLY D 9 30.70 31.91 12.25
CA GLY D 9 31.57 30.79 12.53
C GLY D 9 31.81 29.83 11.37
N GLY D 10 31.08 29.96 10.27
CA GLY D 10 31.34 29.08 9.14
C GLY D 10 32.61 29.48 8.41
N GLY D 11 32.98 28.65 7.44
CA GLY D 11 34.15 28.91 6.62
C GLY D 11 34.50 27.68 5.81
N LEU D 12 35.64 27.76 5.13
CA LEU D 12 36.21 26.60 4.47
C LEU D 12 37.04 25.82 5.46
N VAL D 13 36.83 24.52 5.53
CA VAL D 13 37.54 23.70 6.51
C VAL D 13 37.99 22.42 5.81
N GLN D 14 39.14 21.91 6.23
CA GLN D 14 39.63 20.65 5.70
C GLN D 14 38.96 19.51 6.48
N PRO D 15 38.84 18.33 5.88
CA PRO D 15 38.22 17.22 6.61
C PRO D 15 38.97 16.93 7.90
N GLY D 16 38.23 16.60 8.95
CA GLY D 16 38.79 16.43 10.26
C GLY D 16 38.87 17.69 11.10
N GLY D 17 38.61 18.86 10.50
CA GLY D 17 38.67 20.11 11.22
C GLY D 17 37.51 20.32 12.18
N SER D 18 37.54 21.47 12.87
CA SER D 18 36.55 21.85 13.87
C SER D 18 36.04 23.26 13.60
N LEU D 19 34.79 23.50 13.98
CA LEU D 19 34.23 24.85 13.98
C LEU D 19 33.43 25.04 15.25
N ARG D 20 33.18 26.31 15.59
CA ARG D 20 32.22 26.66 16.64
C ARG D 20 31.27 27.70 16.05
N LEU D 21 30.09 27.26 15.64
CA LEU D 21 29.10 28.21 15.16
C LEU D 21 28.48 28.93 16.34
N SER D 22 28.15 30.19 16.13
CA SER D 22 27.47 30.99 17.13
C SER D 22 26.30 31.70 16.48
N CYS D 23 25.31 32.07 17.29
CA CYS D 23 24.19 32.85 16.78
C CYS D 23 23.86 33.92 17.80
N ALA D 24 23.94 35.18 17.38
CA ALA D 24 23.56 36.32 18.21
C ALA D 24 22.04 36.44 18.22
N ALA D 25 21.45 36.44 19.41
CA ALA D 25 20.01 36.55 19.56
C ALA D 25 19.68 37.85 20.29
N SER D 26 18.95 38.74 19.63
CA SER D 26 18.61 40.03 20.21
C SER D 26 17.20 40.41 19.78
N GLY D 27 16.57 41.25 20.59
CA GLY D 27 15.22 41.69 20.31
C GLY D 27 14.11 40.87 20.95
N PHE D 28 14.46 39.92 21.81
CA PHE D 28 13.48 39.12 22.54
C PHE D 28 14.19 38.51 23.74
N THR D 29 13.40 37.95 24.65
CA THR D 29 13.94 37.33 25.87
C THR D 29 14.45 35.94 25.52
N PHE D 30 15.75 35.89 25.22
CA PHE D 30 16.41 34.66 24.78
C PHE D 30 16.15 33.51 25.74
N SER D 31 16.20 33.78 27.05
CA SER D 31 16.12 32.71 28.04
C SER D 31 14.72 32.10 28.11
N ASP D 32 13.72 32.77 27.58
CA ASP D 32 12.36 32.28 27.57
C ASP D 32 12.11 31.26 26.47
N TYR D 33 13.08 31.03 25.60
CA TYR D 33 12.84 30.29 24.37
C TYR D 33 13.74 29.08 24.27
N VAL D 34 13.18 27.96 23.78
CA VAL D 34 14.02 26.90 23.25
C VAL D 34 14.52 27.34 21.88
N MET D 35 15.70 26.85 21.48
CA MET D 35 16.32 27.27 20.23
C MET D 35 16.92 26.08 19.48
N THR D 36 16.92 26.20 18.15
CA THR D 36 17.23 25.09 17.25
C THR D 36 18.37 25.44 16.30
N TRP D 37 19.21 24.45 15.98
CA TRP D 37 20.11 24.55 14.84
C TRP D 37 19.56 23.69 13.72
N VAL D 38 19.61 24.23 12.51
CA VAL D 38 19.22 23.52 11.30
C VAL D 38 20.38 23.59 10.32
N ARG D 39 20.42 22.65 9.37
CA ARG D 39 21.30 22.84 8.22
C ARG D 39 20.55 22.50 6.95
N GLN D 40 20.91 23.23 5.88
CA GLN D 40 20.26 23.08 4.59
C GLN D 40 21.32 22.88 3.52
N ALA D 41 21.30 21.74 2.88
CA ALA D 41 22.16 21.46 1.74
C ALA D 41 21.33 21.43 0.47
N PRO D 42 21.87 21.86 -0.67
CA PRO D 42 21.11 21.72 -1.92
C PRO D 42 20.74 20.26 -2.15
N GLY D 43 19.55 20.02 -2.71
CA GLY D 43 19.13 18.69 -3.07
C GLY D 43 18.54 17.84 -1.95
N LYS D 44 18.44 18.37 -0.74
CA LYS D 44 17.82 17.69 0.40
C LYS D 44 16.80 18.62 1.05
N GLY D 45 15.91 18.03 1.85
CA GLY D 45 15.08 18.82 2.73
C GLY D 45 15.93 19.40 3.85
N PRO D 46 15.40 20.39 4.58
CA PRO D 46 16.17 20.90 5.73
C PRO D 46 16.36 19.82 6.77
N GLU D 47 17.51 19.88 7.45
CA GLU D 47 17.89 18.85 8.40
C GLU D 47 17.92 19.47 9.79
N TRP D 48 17.00 19.04 10.64
CA TRP D 48 17.04 19.43 12.04
C TRP D 48 18.25 18.78 12.70
N ILE D 49 19.03 19.58 13.44
CA ILE D 49 20.23 19.06 14.11
C ILE D 49 19.95 18.84 15.59
N ALA D 50 19.50 19.88 16.29
CA ALA D 50 19.32 19.79 17.73
C ALA D 50 18.49 20.98 18.20
N THR D 51 17.82 20.79 19.32
CA THR D 51 17.10 21.87 20.00
C THR D 51 17.52 21.87 21.45
N ILE D 52 17.75 23.05 22.03
CA ILE D 52 18.15 23.17 23.43
C ILE D 52 17.03 23.84 24.22
N ASN D 53 16.65 23.24 25.35
CA ASN D 53 15.53 23.73 26.12
C ASN D 53 15.96 24.88 27.04
N THR D 54 15.00 25.52 27.68
CA THR D 54 15.33 26.65 28.54
C THR D 54 16.12 26.24 29.76
N ASP D 55 16.14 24.96 30.11
CA ASP D 55 16.97 24.47 31.21
C ASP D 55 18.30 23.91 30.70
N GLY D 56 18.61 24.09 29.42
CA GLY D 56 19.85 23.62 28.86
C GLY D 56 19.88 22.16 28.50
N SER D 57 18.85 21.38 28.83
CA SER D 57 18.77 20.03 28.32
C SER D 57 18.51 20.10 26.82
N THR D 58 18.65 18.97 26.14
CA THR D 58 18.61 19.02 24.68
C THR D 58 17.78 17.89 24.10
N MET D 59 17.26 18.14 22.90
CA MET D 59 16.77 17.14 21.98
C MET D 59 17.71 17.14 20.79
N ARG D 60 18.12 15.96 20.31
CA ARG D 60 19.07 15.97 19.20
C ARG D 60 18.88 14.76 18.29
N ASP D 61 19.35 14.92 17.05
CA ASP D 61 19.49 13.81 16.12
C ASP D 61 20.70 13.00 16.55
N ASP D 62 20.50 11.75 16.94
CA ASP D 62 21.63 10.97 17.42
C ASP D 62 22.64 10.65 16.32
N SER D 63 22.34 10.92 15.06
CA SER D 63 23.38 10.71 14.06
C SER D 63 24.44 11.82 14.14
N THR D 64 24.11 12.97 14.72
CA THR D 64 25.05 14.07 14.93
C THR D 64 25.83 13.91 16.24
N LYS D 65 25.53 12.86 17.02
CA LYS D 65 25.85 12.84 18.44
C LYS D 65 27.33 13.08 18.71
N GLY D 66 28.20 12.29 18.08
CA GLY D 66 29.61 12.38 18.39
C GLY D 66 30.22 13.73 18.09
N ARG D 67 29.65 14.48 17.15
CA ARG D 67 30.39 15.56 16.52
C ARG D 67 29.74 16.93 16.59
N PHE D 68 28.41 17.03 16.68
CA PHE D 68 27.71 18.31 16.81
C PHE D 68 27.16 18.43 18.22
N THR D 69 27.38 19.58 18.86
CA THR D 69 26.92 19.79 20.23
C THR D 69 26.28 21.17 20.33
N ILE D 70 24.99 21.22 20.59
CA ILE D 70 24.33 22.49 20.82
C ILE D 70 24.59 22.93 22.25
N SER D 71 24.71 24.25 22.47
CA SER D 71 24.77 24.82 23.81
C SER D 71 24.26 26.25 23.76
N ARG D 72 24.00 26.82 24.94
CA ARG D 72 23.53 28.19 25.01
C ARG D 72 24.23 28.92 26.15
N ASP D 73 24.44 30.22 25.98
CA ASP D 73 24.96 31.08 27.04
C ASP D 73 23.96 32.21 27.18
N ASN D 74 23.08 32.09 28.18
CA ASN D 74 22.02 33.09 28.35
C ASN D 74 22.57 34.46 28.71
N ALA D 75 23.65 34.51 29.48
CA ALA D 75 24.25 35.80 29.82
C ALA D 75 24.70 36.55 28.58
N LYS D 76 25.17 35.84 27.55
CA LYS D 76 25.64 36.44 26.30
C LYS D 76 24.57 36.47 25.21
N ASN D 77 23.35 36.00 25.48
CA ASN D 77 22.30 35.84 24.48
C ASN D 77 22.84 35.22 23.18
N THR D 78 23.57 34.14 23.33
CA THR D 78 24.19 33.48 22.19
C THR D 78 23.96 31.98 22.24
N LEU D 79 23.71 31.40 21.06
CA LEU D 79 23.56 29.97 20.87
C LEU D 79 24.80 29.47 20.14
N TYR D 80 25.19 28.23 20.39
CA TYR D 80 26.39 27.67 19.80
C TYR D 80 26.15 26.29 19.22
N LEU D 81 26.91 25.96 18.18
CA LEU D 81 27.02 24.59 17.67
C LEU D 81 28.51 24.26 17.54
N GLN D 82 29.02 23.46 18.48
CA GLN D 82 30.37 22.91 18.39
C GLN D 82 30.36 21.75 17.40
N MET D 83 31.35 21.73 16.52
CA MET D 83 31.34 20.90 15.32
C MET D 83 32.74 20.31 15.24
N THR D 84 32.88 18.98 15.40
CA THR D 84 34.20 18.38 15.34
C THR D 84 34.22 17.24 14.33
N SER D 85 35.43 16.89 13.90
CA SER D 85 35.64 15.80 12.94
C SER D 85 34.80 16.01 11.68
N LEU D 86 34.83 17.24 11.16
CA LEU D 86 33.99 17.55 10.00
C LEU D 86 34.41 16.72 8.78
N LYS D 87 33.44 16.45 7.93
CA LYS D 87 33.55 15.64 6.74
C LYS D 87 32.90 16.39 5.58
N PRO D 88 33.26 16.09 4.34
CA PRO D 88 32.68 16.84 3.21
C PRO D 88 31.16 16.75 3.14
N GLU D 89 30.58 15.69 3.69
CA GLU D 89 29.12 15.54 3.72
C GLU D 89 28.45 16.54 4.65
N ASP D 90 29.22 17.20 5.50
CA ASP D 90 28.69 18.21 6.41
C ASP D 90 28.59 19.60 5.78
N THR D 91 29.00 19.75 4.52
CA THR D 91 28.88 21.01 3.80
C THR D 91 27.41 21.43 3.68
N ALA D 92 27.09 22.63 4.15
CA ALA D 92 25.69 23.09 4.18
C ALA D 92 25.69 24.53 4.69
N LEU D 93 24.54 25.16 4.54
CA LEU D 93 24.24 26.40 5.24
C LEU D 93 23.67 26.01 6.60
N TYR D 94 24.34 26.42 7.68
CA TYR D 94 23.85 26.15 9.03
C TYR D 94 23.13 27.39 9.54
N TYR D 95 21.95 27.20 10.11
CA TYR D 95 21.26 28.37 10.63
C TYR D 95 20.46 28.04 11.87
N CYS D 96 20.24 29.09 12.65
CA CYS D 96 19.56 29.04 13.92
C CYS D 96 18.12 29.49 13.75
N ALA D 97 17.21 28.81 14.46
CA ALA D 97 15.80 29.16 14.43
C ALA D 97 15.28 29.25 15.87
N ARG D 98 14.35 30.17 16.09
CA ARG D 98 13.74 30.30 17.41
C ARG D 98 12.68 29.22 17.59
N GLY D 99 12.63 28.64 18.79
CA GLY D 99 11.67 27.58 19.05
C GLY D 99 12.25 26.21 18.74
N ARG D 100 11.37 25.21 18.75
CA ARG D 100 11.71 23.84 18.38
C ARG D 100 11.09 23.56 17.01
N VAL D 101 11.89 23.62 15.95
CA VAL D 101 11.37 23.46 14.60
C VAL D 101 12.10 22.29 13.95
N ILE D 102 11.35 21.27 13.57
CA ILE D 102 11.91 19.97 13.19
C ILE D 102 11.34 19.50 11.87
N SER D 103 10.01 19.63 11.69
CA SER D 103 9.43 19.27 10.40
C SER D 103 9.78 20.31 9.36
N ALA D 104 9.73 19.90 8.08
CA ALA D 104 10.15 20.79 7.00
C ALA D 104 9.30 22.06 6.98
N SER D 105 7.99 21.92 7.12
CA SER D 105 7.14 23.10 7.11
C SER D 105 7.42 23.99 8.32
N ALA D 106 7.56 23.39 9.51
CA ALA D 106 7.92 24.18 10.68
C ALA D 106 9.24 24.90 10.48
N ILE D 107 10.21 24.24 9.85
CA ILE D 107 11.51 24.89 9.63
C ILE D 107 11.37 25.99 8.58
N ARG D 108 10.68 25.73 7.47
CA ARG D 108 10.59 26.77 6.45
C ARG D 108 9.81 27.99 6.91
N GLY D 109 8.88 27.84 7.85
CA GLY D 109 8.15 28.96 8.39
C GLY D 109 8.72 29.57 9.67
N ALA D 110 9.95 29.22 10.04
CA ALA D 110 10.49 29.58 11.35
C ALA D 110 11.02 31.01 11.35
N VAL D 111 11.13 31.56 12.56
CA VAL D 111 11.92 32.75 12.80
C VAL D 111 13.38 32.32 12.81
N ARG D 112 14.16 32.80 11.85
CA ARG D 112 15.47 32.23 11.62
C ARG D 112 16.45 33.31 11.18
N GLY D 113 17.74 33.02 11.36
CA GLY D 113 18.78 33.86 10.87
C GLY D 113 19.18 33.48 9.45
N PRO D 114 19.95 34.36 8.81
CA PRO D 114 20.36 34.10 7.42
C PRO D 114 21.31 32.92 7.29
N GLY D 115 21.98 32.53 8.37
CA GLY D 115 22.81 31.34 8.37
C GLY D 115 24.26 31.65 8.10
N THR D 116 25.09 30.61 8.29
CA THR D 116 26.53 30.70 8.05
C THR D 116 26.96 29.47 7.26
N GLN D 117 27.71 29.71 6.19
CA GLN D 117 28.07 28.63 5.29
C GLN D 117 29.28 27.85 5.80
N VAL D 118 29.14 26.54 5.87
CA VAL D 118 30.21 25.62 6.24
C VAL D 118 30.55 24.82 5.00
N THR D 119 31.81 24.86 4.57
CA THR D 119 32.25 24.09 3.41
C THR D 119 33.46 23.26 3.81
N VAL D 120 33.30 21.94 3.76
CA VAL D 120 34.32 20.96 4.11
C VAL D 120 34.74 20.27 2.81
N SER D 121 36.03 20.34 2.47
CA SER D 121 36.38 19.83 1.16
C SER D 121 37.80 19.29 1.19
N SER D 122 38.04 18.25 0.37
CA SER D 122 39.39 17.75 0.11
C SER D 122 40.02 18.44 -1.11
#